data_5GMZ
#
_entry.id   5GMZ
#
_cell.length_a   66.017
_cell.length_b   67.215
_cell.length_c   87.669
_cell.angle_alpha   68.100
_cell.angle_beta   68.430
_cell.angle_gamma   83.070
#
_symmetry.space_group_name_H-M   'P 1'
#
loop_
_entity.id
_entity.type
_entity.pdbx_description
1 polymer 'Core protein'
2 non-polymer 'ISOPROPYL ALCOHOL'
3 non-polymer '(2S)-4,4-difluoro-1-[[(4S)-4-(4-fluorophenyl)-5-methoxycarbonyl-4-methyl-2-(1,3-thiazol-2-yl)-1H-pyrimidin-6-yl]methyl]pyrrolidine-2-carboxylic acid'
4 non-polymer GLYCEROL
5 non-polymer 'CHLORIDE ION'
6 water water
#
_entity_poly.entity_id   1
_entity_poly.type   'polypeptide(L)'
_entity_poly.pdbx_seq_one_letter_code
;MDIDPYKEFGATVELLSFLPSDFFPSVRDLLDTAAALYRDALESPEHCSPHHTALRQAILCWGDLMTLATWVGTNLEDPA
SRDLVVSYVNTNVGLKFRQLLWFHISCLTFGRETVLEYLVSFGVWIRTPPAARPPNAPILSTLPETTVVENLYFQ
;
_entity_poly.pdbx_strand_id   A,B,C,D,E,F
#
loop_
_chem_comp.id
_chem_comp.type
_chem_comp.name
_chem_comp.formula
6XU non-polymer '(2S)-4,4-difluoro-1-[[(4S)-4-(4-fluorophenyl)-5-methoxycarbonyl-4-methyl-2-(1,3-thiazol-2-yl)-1H-pyrimidin-6-yl]methyl]pyrrolidine-2-carboxylic acid' 'C22 H21 F3 N4 O4 S'
CL non-polymer 'CHLORIDE ION' 'Cl -1'
GOL non-polymer GLYCEROL 'C3 H8 O3'
IPA non-polymer 'ISOPROPYL ALCOHOL' 'C3 H8 O'
#
# COMPACT_ATOMS: atom_id res chain seq x y z
N MET A 1 5.30 8.02 -7.82
CA MET A 1 3.99 8.18 -8.43
C MET A 1 3.51 6.83 -8.96
N ASP A 2 2.22 6.54 -8.77
CA ASP A 2 1.64 5.27 -9.18
C ASP A 2 0.43 5.58 -10.06
N ILE A 3 0.67 5.65 -11.36
CA ILE A 3 -0.36 5.99 -12.33
C ILE A 3 -0.82 4.72 -13.02
N ASP A 4 -2.12 4.49 -13.01
CA ASP A 4 -2.74 3.41 -13.78
C ASP A 4 -3.32 4.02 -15.03
N PRO A 5 -2.86 3.68 -16.23
CA PRO A 5 -3.34 4.39 -17.43
C PRO A 5 -4.80 4.15 -17.75
N TYR A 6 -5.43 3.14 -17.14
CA TYR A 6 -6.84 2.85 -17.38
C TYR A 6 -7.76 3.59 -16.42
N LYS A 7 -7.23 4.13 -15.34
CA LYS A 7 -8.07 4.59 -14.24
C LYS A 7 -8.96 5.77 -14.65
N GLU A 8 -8.41 6.74 -15.40
CA GLU A 8 -9.26 7.84 -15.85
C GLU A 8 -10.30 7.38 -16.86
N PHE A 9 -10.19 6.14 -17.36
CA PHE A 9 -11.13 5.57 -18.32
C PHE A 9 -12.03 4.51 -17.68
N GLY A 10 -12.10 4.46 -16.36
CA GLY A 10 -13.00 3.56 -15.68
C GLY A 10 -12.56 2.12 -15.64
N ALA A 11 -11.27 1.85 -15.80
CA ALA A 11 -10.77 0.49 -15.76
C ALA A 11 -9.47 0.47 -14.95
N THR A 12 -8.81 -0.69 -14.94
CA THR A 12 -7.56 -0.86 -14.23
C THR A 12 -6.67 -1.82 -14.98
N VAL A 13 -5.38 -1.78 -14.65
CA VAL A 13 -4.43 -2.77 -15.18
C VAL A 13 -4.90 -4.19 -14.85
N GLU A 14 -5.40 -4.39 -13.63
CA GLU A 14 -5.80 -5.73 -13.18
C GLU A 14 -6.96 -6.27 -14.00
N LEU A 15 -7.87 -5.40 -14.42
CA LEU A 15 -9.01 -5.86 -15.22
C LEU A 15 -8.58 -6.30 -16.61
N LEU A 16 -7.71 -5.50 -17.26
CA LEU A 16 -7.19 -5.92 -18.55
C LEU A 16 -6.41 -7.22 -18.43
N SER A 17 -5.72 -7.44 -17.31
N SER A 17 -5.73 -7.43 -17.30
CA SER A 17 -4.95 -8.66 -17.14
CA SER A 17 -4.97 -8.64 -17.04
C SER A 17 -5.83 -9.87 -16.85
C SER A 17 -5.85 -9.88 -16.97
N PHE A 18 -7.14 -9.70 -16.71
CA PHE A 18 -8.06 -10.84 -16.66
C PHE A 18 -8.10 -11.57 -18.00
N LEU A 19 -7.70 -10.90 -19.10
N LEU A 19 -7.76 -10.88 -19.09
CA LEU A 19 -7.76 -11.52 -20.42
CA LEU A 19 -7.75 -11.60 -20.34
C LEU A 19 -6.43 -12.20 -20.75
C LEU A 19 -6.42 -12.30 -20.57
N PRO A 20 -6.44 -13.46 -21.20
CA PRO A 20 -5.18 -14.10 -21.59
C PRO A 20 -4.57 -13.36 -22.78
N SER A 21 -3.25 -13.49 -22.92
CA SER A 21 -2.57 -12.73 -23.97
C SER A 21 -3.09 -13.08 -25.37
N ASP A 22 -3.51 -14.33 -25.58
CA ASP A 22 -4.01 -14.77 -26.89
C ASP A 22 -5.30 -14.08 -27.31
N PHE A 23 -6.00 -13.45 -26.36
CA PHE A 23 -7.21 -12.71 -26.70
C PHE A 23 -6.92 -11.52 -27.59
N PHE A 24 -5.74 -10.90 -27.44
CA PHE A 24 -5.48 -9.61 -28.06
C PHE A 24 -4.88 -9.77 -29.45
N PRO A 25 -5.33 -8.94 -30.41
CA PRO A 25 -4.62 -8.83 -31.68
C PRO A 25 -3.17 -8.42 -31.44
N SER A 26 -2.36 -8.61 -32.48
CA SER A 26 -0.96 -8.19 -32.42
C SER A 26 -0.88 -6.66 -32.44
N VAL A 27 0.27 -6.13 -31.99
CA VAL A 27 0.45 -4.68 -32.02
C VAL A 27 0.35 -4.16 -33.44
N ARG A 28 0.97 -4.86 -34.39
CA ARG A 28 0.91 -4.38 -35.78
C ARG A 28 -0.53 -4.31 -36.26
N ASP A 29 -1.34 -5.31 -35.91
CA ASP A 29 -2.72 -5.31 -36.35
C ASP A 29 -3.54 -4.27 -35.63
N LEU A 30 -3.21 -3.98 -34.36
CA LEU A 30 -3.89 -2.90 -33.67
C LEU A 30 -3.56 -1.56 -34.32
N LEU A 31 -2.30 -1.36 -34.67
CA LEU A 31 -1.93 -0.09 -35.30
C LEU A 31 -2.56 0.06 -36.68
N ASP A 32 -2.61 -1.03 -37.46
CA ASP A 32 -3.31 -0.99 -38.76
C ASP A 32 -4.75 -0.59 -38.59
N THR A 33 -5.42 -1.15 -37.57
CA THR A 33 -6.83 -0.88 -37.36
C THR A 33 -7.05 0.53 -36.86
N ALA A 34 -6.18 1.01 -35.97
CA ALA A 34 -6.27 2.40 -35.54
C ALA A 34 -6.20 3.34 -36.73
N ALA A 35 -5.31 3.05 -37.68
CA ALA A 35 -5.22 3.87 -38.89
C ALA A 35 -6.47 3.74 -39.76
N ALA A 36 -6.92 2.51 -40.01
CA ALA A 36 -8.06 2.32 -40.91
C ALA A 36 -9.30 3.04 -40.38
N LEU A 37 -9.50 3.05 -39.07
CA LEU A 37 -10.71 3.63 -38.50
C LEU A 37 -10.56 5.06 -38.00
N TYR A 38 -9.38 5.45 -37.54
CA TYR A 38 -9.25 6.70 -36.81
C TYR A 38 -8.09 7.57 -37.26
N ARG A 39 -7.50 7.30 -38.44
CA ARG A 39 -6.30 8.06 -38.83
C ARG A 39 -6.55 9.55 -38.86
N ASP A 40 -7.64 9.97 -39.51
CA ASP A 40 -7.87 11.40 -39.67
C ASP A 40 -8.03 12.10 -38.34
N ALA A 41 -8.80 11.49 -37.41
CA ALA A 41 -8.97 12.08 -36.10
C ALA A 41 -7.64 12.11 -35.32
N LEU A 42 -6.89 11.01 -35.35
CA LEU A 42 -5.64 10.94 -34.59
C LEU A 42 -4.63 11.96 -35.08
N GLU A 43 -4.64 12.25 -36.38
CA GLU A 43 -3.71 13.22 -36.96
C GLU A 43 -4.26 14.63 -36.94
N SER A 44 -5.48 14.85 -36.46
CA SER A 44 -6.08 16.18 -36.56
C SER A 44 -5.58 17.09 -35.44
N PRO A 45 -5.76 18.41 -35.60
CA PRO A 45 -5.38 19.34 -34.54
C PRO A 45 -6.34 19.41 -33.36
N GLU A 46 -7.38 18.58 -33.32
CA GLU A 46 -8.35 18.63 -32.24
C GLU A 46 -8.15 17.46 -31.28
N HIS A 47 -8.47 17.70 -30.01
CA HIS A 47 -8.37 16.67 -29.00
C HIS A 47 -9.22 15.46 -29.35
N CYS A 48 -10.45 15.70 -29.85
CA CYS A 48 -11.46 14.71 -30.19
C CYS A 48 -12.08 14.08 -28.95
N SER A 49 -11.29 13.41 -28.14
CA SER A 49 -11.77 12.81 -26.91
C SER A 49 -10.57 12.41 -26.07
N PRO A 50 -10.76 12.19 -24.77
CA PRO A 50 -9.67 11.63 -23.96
C PRO A 50 -9.11 10.32 -24.51
N HIS A 51 -9.95 9.45 -25.08
CA HIS A 51 -9.43 8.23 -25.67
C HIS A 51 -8.50 8.52 -26.85
N HIS A 52 -8.84 9.53 -27.66
CA HIS A 52 -7.97 9.90 -28.78
C HIS A 52 -6.63 10.41 -28.28
N THR A 53 -6.64 11.28 -27.26
CA THR A 53 -5.38 11.79 -26.72
C THR A 53 -4.51 10.65 -26.21
N ALA A 54 -5.10 9.73 -25.43
CA ALA A 54 -4.29 8.63 -24.90
C ALA A 54 -3.81 7.72 -26.01
N LEU A 55 -4.67 7.43 -26.99
CA LEU A 55 -4.28 6.53 -28.07
C LEU A 55 -3.14 7.14 -28.90
N ARG A 56 -3.18 8.45 -29.15
CA ARG A 56 -2.05 9.10 -29.82
C ARG A 56 -0.75 8.83 -29.07
N GLN A 57 -0.76 9.01 -27.74
CA GLN A 57 0.49 8.82 -27.00
C GLN A 57 0.94 7.37 -27.03
N ALA A 58 -0.02 6.42 -26.96
CA ALA A 58 0.35 5.02 -26.96
C ALA A 58 0.99 4.62 -28.28
N ILE A 59 0.43 5.08 -29.39
CA ILE A 59 1.01 4.80 -30.71
C ILE A 59 2.44 5.32 -30.78
N LEU A 60 2.66 6.58 -30.37
CA LEU A 60 3.98 7.18 -30.43
C LEU A 60 4.95 6.50 -29.47
N CYS A 61 4.47 6.10 -28.29
CA CYS A 61 5.32 5.39 -27.34
C CYS A 61 5.81 4.07 -27.91
N TRP A 62 4.93 3.30 -28.55
CA TRP A 62 5.38 2.08 -29.20
C TRP A 62 6.45 2.39 -30.23
N GLY A 63 6.27 3.45 -31.02
CA GLY A 63 7.29 3.89 -31.93
C GLY A 63 8.63 4.13 -31.25
N ASP A 64 8.62 4.83 -30.10
CA ASP A 64 9.85 5.05 -29.34
C ASP A 64 10.49 3.72 -28.93
N LEU A 65 9.68 2.79 -28.41
CA LEU A 65 10.23 1.50 -28.00
C LEU A 65 10.80 0.75 -29.19
N MET A 66 10.12 0.81 -30.34
CA MET A 66 10.62 0.12 -31.52
C MET A 66 11.88 0.78 -32.05
N THR A 67 11.94 2.12 -32.03
CA THR A 67 13.16 2.79 -32.47
C THR A 67 14.33 2.39 -31.62
N LEU A 68 14.14 2.31 -30.30
CA LEU A 68 15.21 1.87 -29.41
C LEU A 68 15.56 0.41 -29.64
N ALA A 69 14.55 -0.46 -29.71
CA ALA A 69 14.82 -1.88 -29.90
C ALA A 69 15.49 -2.15 -31.23
N THR A 70 15.07 -1.44 -32.29
CA THR A 70 15.69 -1.61 -33.61
C THR A 70 17.14 -1.13 -33.61
N TRP A 71 17.40 0.02 -33.00
CA TRP A 71 18.77 0.50 -32.90
C TRP A 71 19.65 -0.49 -32.14
N VAL A 72 19.11 -1.08 -31.07
CA VAL A 72 19.87 -2.10 -30.35
C VAL A 72 20.14 -3.28 -31.27
N GLY A 73 19.10 -3.76 -31.97
CA GLY A 73 19.26 -4.93 -32.82
C GLY A 73 20.26 -4.71 -33.94
N THR A 74 20.25 -3.53 -34.57
CA THR A 74 21.20 -3.28 -35.65
C THR A 74 22.63 -3.28 -35.14
N ASN A 75 22.83 -3.14 -33.83
CA ASN A 75 24.16 -3.08 -33.24
C ASN A 75 24.58 -4.40 -32.59
N LEU A 76 23.81 -5.47 -32.76
CA LEU A 76 24.14 -6.78 -32.23
C LEU A 76 24.54 -7.69 -33.38
N GLU A 77 25.75 -8.25 -33.29
CA GLU A 77 26.25 -9.13 -34.36
C GLU A 77 25.66 -10.53 -34.28
N ASP A 78 25.33 -10.99 -33.08
CA ASP A 78 24.90 -12.37 -32.86
C ASP A 78 23.41 -12.52 -33.14
N PRO A 79 23.00 -13.35 -34.11
CA PRO A 79 21.55 -13.53 -34.35
C PRO A 79 20.79 -14.04 -33.15
N ALA A 80 21.38 -14.93 -32.35
CA ALA A 80 20.71 -15.41 -31.15
C ALA A 80 20.42 -14.25 -30.19
N SER A 81 21.33 -13.27 -30.15
CA SER A 81 21.12 -12.10 -29.31
C SER A 81 19.95 -11.26 -29.82
N ARG A 82 19.91 -11.04 -31.14
CA ARG A 82 18.81 -10.27 -31.72
C ARG A 82 17.48 -11.00 -31.52
N ASP A 83 17.48 -12.33 -31.61
CA ASP A 83 16.25 -13.08 -31.39
C ASP A 83 15.73 -12.89 -29.98
N LEU A 84 16.64 -12.80 -28.99
CA LEU A 84 16.21 -12.66 -27.61
C LEU A 84 15.61 -11.29 -27.33
N VAL A 85 16.16 -10.25 -27.97
CA VAL A 85 15.57 -8.91 -27.82
C VAL A 85 14.15 -8.90 -28.38
N VAL A 86 13.98 -9.41 -29.60
CA VAL A 86 12.65 -9.48 -30.20
C VAL A 86 11.69 -10.24 -29.28
N SER A 87 12.13 -11.40 -28.77
CA SER A 87 11.24 -12.17 -27.92
C SER A 87 10.95 -11.49 -26.60
N TYR A 88 11.89 -10.71 -26.07
CA TYR A 88 11.66 -10.00 -24.82
C TYR A 88 10.64 -8.90 -24.99
N VAL A 89 10.75 -8.14 -26.08
CA VAL A 89 9.81 -7.06 -26.34
C VAL A 89 8.39 -7.61 -26.48
N ASN A 90 8.24 -8.65 -27.29
CA ASN A 90 6.91 -9.21 -27.54
C ASN A 90 6.31 -9.81 -26.28
N THR A 91 7.14 -10.39 -25.42
CA THR A 91 6.61 -11.11 -24.26
C THR A 91 6.23 -10.17 -23.15
N ASN A 92 6.87 -9.01 -23.06
CA ASN A 92 6.66 -8.12 -21.93
C ASN A 92 6.00 -6.82 -22.35
N VAL A 93 6.77 -5.86 -22.89
CA VAL A 93 6.14 -4.58 -23.21
C VAL A 93 5.14 -4.71 -24.36
N GLY A 94 5.35 -5.68 -25.26
CA GLY A 94 4.39 -5.91 -26.33
C GLY A 94 3.00 -6.27 -25.82
N LEU A 95 2.93 -7.12 -24.79
CA LEU A 95 1.63 -7.45 -24.23
C LEU A 95 1.00 -6.23 -23.56
N LYS A 96 1.79 -5.42 -22.86
CA LYS A 96 1.23 -4.22 -22.25
C LYS A 96 0.57 -3.34 -23.30
N PHE A 97 1.22 -3.17 -24.45
CA PHE A 97 0.68 -2.28 -25.47
C PHE A 97 -0.44 -2.91 -26.28
N ARG A 98 -0.43 -4.23 -26.43
CA ARG A 98 -1.60 -4.88 -27.02
C ARG A 98 -2.84 -4.63 -26.18
N GLN A 99 -2.72 -4.77 -24.85
CA GLN A 99 -3.83 -4.44 -23.96
C GLN A 99 -4.26 -2.99 -24.13
N LEU A 100 -3.29 -2.08 -24.11
CA LEU A 100 -3.58 -0.65 -24.07
C LEU A 100 -4.17 -0.17 -25.39
N LEU A 101 -3.54 -0.54 -26.50
CA LEU A 101 -4.08 -0.15 -27.80
C LEU A 101 -5.45 -0.76 -28.05
N TRP A 102 -5.63 -2.03 -27.69
CA TRP A 102 -6.94 -2.66 -27.86
C TRP A 102 -7.99 -1.95 -27.03
N PHE A 103 -7.66 -1.61 -25.78
CA PHE A 103 -8.61 -0.92 -24.92
C PHE A 103 -9.09 0.38 -25.54
N HIS A 104 -8.18 1.18 -26.08
CA HIS A 104 -8.63 2.45 -26.61
C HIS A 104 -9.38 2.28 -27.92
N ILE A 105 -8.91 1.37 -28.78
CA ILE A 105 -9.60 1.15 -30.06
C ILE A 105 -10.99 0.59 -29.82
N SER A 106 -11.12 -0.40 -28.93
CA SER A 106 -12.43 -0.97 -28.66
C SER A 106 -13.36 0.05 -28.01
N CYS A 107 -12.84 0.87 -27.08
CA CYS A 107 -13.69 1.87 -26.45
C CYS A 107 -14.20 2.89 -27.45
N LEU A 108 -13.33 3.31 -28.38
CA LEU A 108 -13.76 4.28 -29.39
C LEU A 108 -14.81 3.69 -30.31
N THR A 109 -14.79 2.39 -30.49
CA THR A 109 -15.72 1.75 -31.41
C THR A 109 -17.01 1.34 -30.72
N PHE A 110 -16.94 0.86 -29.48
CA PHE A 110 -18.11 0.29 -28.83
C PHE A 110 -18.50 0.97 -27.52
N GLY A 111 -17.68 1.84 -26.98
CA GLY A 111 -18.05 2.42 -25.70
C GLY A 111 -17.51 1.62 -24.53
N ARG A 112 -17.15 2.35 -23.47
CA ARG A 112 -16.48 1.77 -22.32
C ARG A 112 -17.32 0.66 -21.67
N GLU A 113 -18.62 0.91 -21.46
CA GLU A 113 -19.46 -0.06 -20.77
C GLU A 113 -19.49 -1.39 -21.51
N THR A 114 -19.66 -1.35 -22.83
CA THR A 114 -19.65 -2.56 -23.63
C THR A 114 -18.30 -3.27 -23.55
N VAL A 115 -17.22 -2.49 -23.59
CA VAL A 115 -15.89 -3.08 -23.55
C VAL A 115 -15.66 -3.78 -22.21
N LEU A 116 -16.01 -3.12 -21.10
CA LEU A 116 -15.77 -3.70 -19.79
C LEU A 116 -16.60 -4.97 -19.58
N GLU A 117 -17.85 -4.98 -20.06
CA GLU A 117 -18.66 -6.18 -19.95
C GLU A 117 -18.08 -7.31 -20.79
N TYR A 118 -17.55 -6.97 -21.96
CA TYR A 118 -16.99 -7.99 -22.84
C TYR A 118 -15.73 -8.59 -22.24
N LEU A 119 -14.86 -7.74 -21.66
CA LEU A 119 -13.68 -8.24 -20.96
C LEU A 119 -14.05 -9.34 -19.97
N VAL A 120 -15.08 -9.11 -19.17
CA VAL A 120 -15.48 -10.10 -18.19
C VAL A 120 -16.09 -11.32 -18.87
N SER A 121 -16.91 -11.11 -19.90
CA SER A 121 -17.57 -12.24 -20.56
C SER A 121 -16.54 -13.18 -21.20
N PHE A 122 -15.58 -12.62 -21.93
CA PHE A 122 -14.57 -13.45 -22.55
C PHE A 122 -13.68 -14.11 -21.50
N GLY A 123 -13.26 -13.35 -20.50
CA GLY A 123 -12.42 -13.92 -19.46
C GLY A 123 -13.07 -15.07 -18.72
N VAL A 124 -14.39 -15.01 -18.54
CA VAL A 124 -15.13 -16.12 -17.93
C VAL A 124 -15.25 -17.29 -18.91
N TRP A 125 -15.55 -16.99 -20.18
CA TRP A 125 -15.68 -18.05 -21.18
C TRP A 125 -14.38 -18.85 -21.30
N ILE A 126 -13.25 -18.15 -21.40
CA ILE A 126 -11.98 -18.84 -21.64
C ILE A 126 -11.56 -19.66 -20.42
N ARG A 127 -12.07 -19.33 -19.24
CA ARG A 127 -11.82 -20.09 -18.03
C ARG A 127 -12.78 -21.24 -17.82
N THR A 128 -13.78 -21.35 -18.64
CA THR A 128 -14.66 -22.51 -18.56
C THR A 128 -14.04 -23.65 -19.35
N PRO A 129 -14.04 -24.88 -18.81
CA PRO A 129 -13.44 -26.01 -19.55
C PRO A 129 -13.99 -26.09 -20.96
N PRO A 130 -13.13 -26.29 -21.96
CA PRO A 130 -13.60 -26.25 -23.36
C PRO A 130 -14.71 -27.23 -23.66
N ALA A 131 -14.66 -28.42 -23.06
CA ALA A 131 -15.71 -29.41 -23.27
C ALA A 131 -17.02 -29.02 -22.61
N ALA A 132 -17.03 -28.03 -21.73
CA ALA A 132 -18.23 -27.63 -21.03
C ALA A 132 -18.79 -26.29 -21.48
N ARG A 133 -18.16 -25.61 -22.46
CA ARG A 133 -18.56 -24.26 -22.79
C ARG A 133 -19.05 -24.16 -24.22
N PRO A 134 -19.72 -23.07 -24.60
CA PRO A 134 -20.14 -22.90 -26.01
C PRO A 134 -18.94 -22.92 -26.93
N PRO A 135 -19.08 -23.49 -28.13
CA PRO A 135 -17.92 -23.64 -29.01
C PRO A 135 -17.31 -22.32 -29.43
N ASN A 136 -18.11 -21.29 -29.61
CA ASN A 136 -17.61 -20.01 -30.10
C ASN A 136 -17.55 -18.99 -28.98
N ALA A 137 -16.64 -18.05 -29.12
CA ALA A 137 -16.45 -17.03 -28.13
C ALA A 137 -17.60 -16.04 -28.15
N PRO A 138 -17.84 -15.33 -27.05
CA PRO A 138 -18.78 -14.22 -27.10
C PRO A 138 -18.28 -13.16 -28.08
N ILE A 139 -19.22 -12.33 -28.56
CA ILE A 139 -18.96 -11.39 -29.65
C ILE A 139 -19.05 -9.98 -29.08
N LEU A 140 -18.01 -9.17 -29.33
CA LEU A 140 -17.95 -7.84 -28.71
C LEU A 140 -19.12 -6.97 -29.14
N SER A 141 -19.46 -6.97 -30.43
CA SER A 141 -20.49 -6.06 -30.94
C SER A 141 -21.90 -6.40 -30.46
N THR A 142 -22.18 -7.63 -30.07
CA THR A 142 -23.54 -7.97 -29.65
C THR A 142 -23.84 -7.42 -28.26
N LEU A 143 -25.09 -7.02 -28.07
CA LEU A 143 -25.56 -6.41 -26.84
C LEU A 143 -24.73 -5.18 -26.49
N MET B 1 0.78 6.20 -40.27
CA MET B 1 0.26 7.36 -39.57
C MET B 1 1.38 8.29 -39.15
N ASP B 2 1.11 9.59 -39.22
CA ASP B 2 2.10 10.62 -38.91
C ASP B 2 1.47 11.51 -37.85
N ILE B 3 1.68 11.16 -36.59
CA ILE B 3 1.09 11.88 -35.46
C ILE B 3 2.17 12.74 -34.82
N ASP B 4 1.90 14.03 -34.69
CA ASP B 4 2.74 14.94 -33.93
C ASP B 4 2.14 15.09 -32.55
N PRO B 5 2.81 14.70 -31.46
CA PRO B 5 2.16 14.72 -30.14
C PRO B 5 1.81 16.11 -29.66
N TYR B 6 2.36 17.16 -30.28
CA TYR B 6 2.06 18.52 -29.86
C TYR B 6 0.91 19.14 -30.61
N LYS B 7 0.46 18.51 -31.71
CA LYS B 7 -0.44 19.19 -32.63
C LYS B 7 -1.79 19.49 -31.99
N GLU B 8 -2.36 18.54 -31.23
CA GLU B 8 -3.63 18.82 -30.57
C GLU B 8 -3.48 19.86 -29.46
N PHE B 9 -2.25 20.21 -29.07
CA PHE B 9 -2.00 21.20 -28.04
C PHE B 9 -1.49 22.51 -28.61
N GLY B 10 -1.61 22.69 -29.92
CA GLY B 10 -1.24 23.95 -30.57
C GLY B 10 0.24 24.15 -30.80
N ALA B 11 1.03 23.09 -30.84
CA ALA B 11 2.46 23.22 -31.09
C ALA B 11 2.87 22.13 -32.08
N THR B 12 4.19 22.02 -32.32
CA THR B 12 4.74 21.02 -33.21
C THR B 12 6.08 20.58 -32.68
N VAL B 13 6.52 19.41 -33.16
CA VAL B 13 7.87 18.94 -32.83
C VAL B 13 8.91 19.99 -33.23
N GLU B 14 8.74 20.62 -34.38
CA GLU B 14 9.72 21.60 -34.87
C GLU B 14 9.83 22.81 -33.94
N LEU B 15 8.71 23.21 -33.33
CA LEU B 15 8.73 24.36 -32.43
C LEU B 15 9.47 24.02 -31.13
N LEU B 16 9.21 22.84 -30.55
CA LEU B 16 9.97 22.44 -29.38
C LEU B 16 11.46 22.31 -29.70
N SER B 17 11.78 21.92 -30.94
N SER B 17 11.79 21.90 -30.92
CA SER B 17 13.15 21.76 -31.39
CA SER B 17 13.19 21.74 -31.27
C SER B 17 13.90 23.08 -31.45
C SER B 17 13.90 23.08 -31.51
N PHE B 18 13.16 24.20 -31.46
CA PHE B 18 13.81 25.51 -31.52
C PHE B 18 14.60 25.78 -30.24
N LEU B 19 14.31 25.02 -29.15
CA LEU B 19 15.02 25.31 -27.90
C LEU B 19 16.27 24.44 -27.81
N PRO B 20 17.39 24.94 -27.33
CA PRO B 20 18.57 24.08 -27.18
C PRO B 20 18.32 23.05 -26.11
N SER B 21 19.03 21.93 -26.20
CA SER B 21 18.78 20.85 -25.25
C SER B 21 19.09 21.28 -23.83
N ASP B 22 20.06 22.19 -23.64
CA ASP B 22 20.40 22.68 -22.31
C ASP B 22 19.29 23.48 -21.64
N PHE B 23 18.30 23.93 -22.41
CA PHE B 23 17.17 24.68 -21.83
C PHE B 23 16.33 23.82 -20.89
N PHE B 24 16.21 22.52 -21.18
CA PHE B 24 15.22 21.68 -20.48
C PHE B 24 15.81 21.07 -19.21
N PRO B 25 15.02 21.03 -18.14
CA PRO B 25 15.39 20.23 -16.96
C PRO B 25 15.63 18.78 -17.35
N SER B 26 16.25 18.05 -16.43
CA SER B 26 16.44 16.62 -16.63
C SER B 26 15.12 15.87 -16.52
N VAL B 27 15.09 14.64 -17.06
CA VAL B 27 13.87 13.84 -16.91
C VAL B 27 13.54 13.61 -15.45
N ARG B 28 14.55 13.28 -14.64
CA ARG B 28 14.27 13.03 -13.24
C ARG B 28 13.66 14.25 -12.57
N ASP B 29 14.16 15.44 -12.90
CA ASP B 29 13.64 16.64 -12.26
C ASP B 29 12.25 16.99 -12.77
N LEU B 30 11.96 16.72 -14.06
CA LEU B 30 10.62 16.91 -14.58
C LEU B 30 9.63 15.95 -13.90
N LEU B 31 10.04 14.69 -13.72
CA LEU B 31 9.16 13.74 -13.05
C LEU B 31 8.94 14.12 -11.58
N ASP B 32 10.00 14.56 -10.89
CA ASP B 32 9.82 15.02 -9.50
C ASP B 32 8.84 16.18 -9.44
N THR B 33 8.93 17.10 -10.40
CA THR B 33 8.08 18.28 -10.37
C THR B 33 6.63 17.92 -10.69
N ALA B 34 6.41 17.03 -11.66
CA ALA B 34 5.06 16.57 -11.95
C ALA B 34 4.41 15.99 -10.71
N ALA B 35 5.18 15.20 -9.94
CA ALA B 35 4.66 14.65 -8.69
C ALA B 35 4.40 15.73 -7.65
N ALA B 36 5.38 16.63 -7.44
CA ALA B 36 5.22 17.66 -6.40
C ALA B 36 4.00 18.53 -6.66
N LEU B 37 3.72 18.83 -7.92
CA LEU B 37 2.62 19.72 -8.27
C LEU B 37 1.32 19.02 -8.65
N TYR B 38 1.38 17.84 -9.27
CA TYR B 38 0.19 17.26 -9.89
C TYR B 38 -0.06 15.80 -9.54
N ARG B 39 0.60 15.28 -8.49
CA ARG B 39 0.46 13.85 -8.17
C ARG B 39 -1.00 13.45 -8.01
N ASP B 40 -1.76 14.22 -7.22
CA ASP B 40 -3.13 13.81 -6.91
C ASP B 40 -4.00 13.78 -8.16
N ALA B 41 -3.90 14.80 -9.00
CA ALA B 41 -4.67 14.83 -10.24
C ALA B 41 -4.25 13.72 -11.20
N LEU B 42 -2.94 13.50 -11.34
CA LEU B 42 -2.46 12.48 -12.27
C LEU B 42 -2.91 11.09 -11.87
N GLU B 43 -3.01 10.85 -10.56
CA GLU B 43 -3.45 9.56 -10.04
C GLU B 43 -4.96 9.45 -9.88
N SER B 44 -5.71 10.49 -10.19
CA SER B 44 -7.14 10.46 -9.90
C SER B 44 -7.94 9.75 -11.00
N PRO B 45 -9.18 9.36 -10.72
CA PRO B 45 -10.04 8.78 -11.74
C PRO B 45 -10.66 9.78 -12.71
N GLU B 46 -10.30 11.06 -12.64
CA GLU B 46 -10.84 12.07 -13.55
C GLU B 46 -9.83 12.37 -14.64
N HIS B 47 -10.33 12.64 -15.86
CA HIS B 47 -9.45 13.06 -16.94
C HIS B 47 -8.68 14.32 -16.56
N CYS B 48 -9.36 15.27 -15.94
CA CYS B 48 -8.81 16.57 -15.53
C CYS B 48 -8.57 17.48 -16.73
N SER B 49 -7.75 17.07 -17.68
CA SER B 49 -7.49 17.87 -18.87
C SER B 49 -6.78 17.01 -19.90
N PRO B 50 -6.80 17.43 -21.18
CA PRO B 50 -5.98 16.73 -22.18
C PRO B 50 -4.51 16.70 -21.82
N HIS B 51 -3.99 17.76 -21.20
CA HIS B 51 -2.60 17.74 -20.77
C HIS B 51 -2.35 16.67 -19.71
N HIS B 52 -3.29 16.48 -18.76
CA HIS B 52 -3.12 15.43 -17.77
C HIS B 52 -3.10 14.06 -18.43
N THR B 53 -4.02 13.82 -19.38
CA THR B 53 -4.06 12.54 -20.08
C THR B 53 -2.74 12.29 -20.81
N ALA B 54 -2.24 13.30 -21.53
CA ALA B 54 -0.99 13.08 -22.25
C ALA B 54 0.18 12.89 -21.27
N LEU B 55 0.23 13.70 -20.21
CA LEU B 55 1.34 13.60 -19.26
C LEU B 55 1.34 12.24 -18.55
N ARG B 56 0.16 11.71 -18.22
CA ARG B 56 0.09 10.34 -17.68
C ARG B 56 0.78 9.35 -18.61
N GLN B 57 0.47 9.39 -19.91
CA GLN B 57 1.05 8.41 -20.81
C GLN B 57 2.56 8.62 -20.96
N ALA B 58 3.01 9.88 -21.00
CA ALA B 58 4.44 10.16 -21.17
C ALA B 58 5.23 9.65 -19.98
N ILE B 59 4.72 9.86 -18.77
CA ILE B 59 5.40 9.35 -17.59
C ILE B 59 5.53 7.84 -17.65
N LEU B 60 4.44 7.15 -18.00
CA LEU B 60 4.50 5.68 -18.03
C LEU B 60 5.39 5.20 -19.19
N CYS B 61 5.36 5.91 -20.31
CA CYS B 61 6.20 5.53 -21.44
C CYS B 61 7.68 5.62 -21.07
N TRP B 62 8.06 6.69 -20.38
CA TRP B 62 9.45 6.78 -19.95
C TRP B 62 9.83 5.58 -19.08
N GLY B 63 8.93 5.17 -18.19
CA GLY B 63 9.16 3.94 -17.44
C GLY B 63 9.38 2.73 -18.32
N ASP B 64 8.55 2.56 -19.36
CA ASP B 64 8.73 1.46 -20.32
C ASP B 64 10.09 1.53 -20.99
N LEU B 65 10.48 2.72 -21.45
CA LEU B 65 11.77 2.87 -22.13
C LEU B 65 12.92 2.55 -21.19
N MET B 66 12.83 2.96 -19.93
CA MET B 66 13.92 2.71 -18.99
C MET B 66 14.03 1.22 -18.66
N THR B 67 12.88 0.53 -18.51
CA THR B 67 12.93 -0.91 -18.27
C THR B 67 13.60 -1.64 -19.43
N LEU B 68 13.24 -1.28 -20.66
CA LEU B 68 13.87 -1.90 -21.81
C LEU B 68 15.36 -1.56 -21.88
N ALA B 69 15.69 -0.27 -21.74
CA ALA B 69 17.11 0.13 -21.82
C ALA B 69 17.93 -0.48 -20.70
N THR B 70 17.36 -0.58 -19.50
CA THR B 70 18.09 -1.22 -18.41
C THR B 70 18.31 -2.70 -18.68
N TRP B 71 17.28 -3.38 -19.17
CA TRP B 71 17.43 -4.80 -19.48
C TRP B 71 18.47 -5.04 -20.57
N VAL B 72 18.48 -4.20 -21.61
CA VAL B 72 19.51 -4.31 -22.64
C VAL B 72 20.89 -4.10 -22.04
N GLY B 73 21.02 -3.06 -21.21
CA GLY B 73 22.33 -2.76 -20.65
C GLY B 73 22.87 -3.89 -19.79
N THR B 74 22.02 -4.49 -18.96
CA THR B 74 22.51 -5.55 -18.09
C THR B 74 22.96 -6.76 -18.88
N ASN B 75 22.32 -7.03 -20.01
CA ASN B 75 22.60 -8.25 -20.76
C ASN B 75 23.65 -8.07 -21.87
N LEU B 76 24.12 -6.85 -22.11
CA LEU B 76 25.24 -6.66 -23.03
C LEU B 76 26.53 -7.15 -22.38
N GLU B 77 27.32 -7.93 -23.14
CA GLU B 77 28.60 -8.40 -22.63
C GLU B 77 29.62 -7.26 -22.51
N ASP B 78 29.67 -6.37 -23.50
CA ASP B 78 30.71 -5.35 -23.55
C ASP B 78 30.28 -4.14 -22.72
N PRO B 79 31.00 -3.83 -21.63
CA PRO B 79 30.63 -2.63 -20.85
C PRO B 79 30.73 -1.33 -21.63
N ALA B 80 31.64 -1.22 -22.61
CA ALA B 80 31.67 -0.04 -23.45
C ALA B 80 30.38 0.12 -24.25
N SER B 81 29.76 -1.00 -24.62
CA SER B 81 28.47 -0.95 -25.31
C SER B 81 27.36 -0.48 -24.37
N ARG B 82 27.42 -0.90 -23.11
CA ARG B 82 26.45 -0.41 -22.13
C ARG B 82 26.53 1.11 -22.00
N ASP B 83 27.75 1.65 -21.98
CA ASP B 83 27.91 3.10 -21.91
C ASP B 83 27.31 3.78 -23.13
N LEU B 84 27.47 3.17 -24.31
CA LEU B 84 26.91 3.76 -25.52
C LEU B 84 25.39 3.75 -25.51
N VAL B 85 24.77 2.72 -24.92
CA VAL B 85 23.31 2.71 -24.81
C VAL B 85 22.85 3.89 -23.97
N VAL B 86 23.51 4.11 -22.82
CA VAL B 86 23.16 5.25 -21.97
C VAL B 86 23.28 6.55 -22.75
N SER B 87 24.37 6.71 -23.48
CA SER B 87 24.58 7.97 -24.19
C SER B 87 23.61 8.11 -25.36
N TYR B 88 23.24 6.99 -26.01
CA TYR B 88 22.27 7.04 -27.09
C TYR B 88 20.89 7.43 -26.55
N VAL B 89 20.50 6.86 -25.41
CA VAL B 89 19.22 7.23 -24.80
C VAL B 89 19.19 8.71 -24.43
N ASN B 90 20.24 9.19 -23.76
CA ASN B 90 20.23 10.57 -23.30
C ASN B 90 20.22 11.55 -24.46
N THR B 91 20.92 11.24 -25.54
CA THR B 91 20.99 12.25 -26.60
C THR B 91 19.76 12.23 -27.48
N ASN B 92 19.03 11.12 -27.52
CA ASN B 92 17.91 11.03 -28.45
C ASN B 92 16.56 10.94 -27.74
N VAL B 93 16.16 9.75 -27.28
CA VAL B 93 14.81 9.67 -26.70
C VAL B 93 14.75 10.43 -25.38
N GLY B 94 15.86 10.53 -24.65
CA GLY B 94 15.86 11.34 -23.43
C GLY B 94 15.53 12.80 -23.70
N LEU B 95 16.10 13.36 -24.77
CA LEU B 95 15.76 14.74 -25.11
C LEU B 95 14.31 14.85 -25.55
N LYS B 96 13.82 13.87 -26.30
CA LYS B 96 12.42 13.91 -26.71
C LYS B 96 11.50 13.98 -25.50
N PHE B 97 11.80 13.19 -24.46
CA PHE B 97 10.91 13.21 -23.31
C PHE B 97 11.13 14.42 -22.41
N ARG B 98 12.33 14.97 -22.38
CA ARG B 98 12.48 16.23 -21.68
C ARG B 98 11.62 17.32 -22.30
N GLN B 99 11.60 17.42 -23.64
CA GLN B 99 10.73 18.36 -24.31
C GLN B 99 9.28 18.12 -23.96
N LEU B 100 8.85 16.86 -24.06
CA LEU B 100 7.43 16.53 -23.93
C LEU B 100 6.96 16.74 -22.50
N LEU B 101 7.70 16.21 -21.53
CA LEU B 101 7.31 16.42 -20.13
C LEU B 101 7.32 17.89 -19.77
N TRP B 102 8.35 18.62 -20.22
CA TRP B 102 8.41 20.05 -19.93
C TRP B 102 7.21 20.77 -20.52
N PHE B 103 6.86 20.44 -21.77
CA PHE B 103 5.73 21.10 -22.43
C PHE B 103 4.44 20.93 -21.63
N HIS B 104 4.13 19.71 -21.20
CA HIS B 104 2.86 19.52 -20.50
C HIS B 104 2.89 20.12 -19.10
N ILE B 105 4.02 20.02 -18.41
CA ILE B 105 4.10 20.61 -17.07
C ILE B 105 3.99 22.13 -17.15
N SER B 106 4.71 22.74 -18.10
CA SER B 106 4.67 24.19 -18.22
C SER B 106 3.28 24.65 -18.65
N CYS B 107 2.63 23.94 -19.58
CA CYS B 107 1.28 24.32 -19.99
C CYS B 107 0.30 24.22 -18.83
N LEU B 108 0.41 23.18 -18.00
CA LEU B 108 -0.50 23.08 -16.87
C LEU B 108 -0.28 24.20 -15.87
N THR B 109 0.94 24.71 -15.78
CA THR B 109 1.26 25.72 -14.78
C THR B 109 0.98 27.13 -15.26
N PHE B 110 1.28 27.42 -16.53
CA PHE B 110 1.20 28.79 -17.05
C PHE B 110 0.24 28.97 -18.22
N GLY B 111 -0.27 27.90 -18.79
CA GLY B 111 -1.16 28.05 -19.94
C GLY B 111 -0.44 28.00 -21.27
N ARG B 112 -1.16 27.56 -22.29
N ARG B 112 -1.16 27.56 -22.29
CA ARG B 112 -0.58 27.31 -23.61
CA ARG B 112 -0.58 27.31 -23.61
C ARG B 112 0.04 28.57 -24.22
C ARG B 112 0.05 28.57 -24.20
N GLU B 113 -0.68 29.69 -24.18
CA GLU B 113 -0.17 30.89 -24.86
C GLU B 113 1.13 31.39 -24.22
N THR B 114 1.19 31.42 -22.89
CA THR B 114 2.42 31.84 -22.23
C THR B 114 3.58 30.91 -22.61
N VAL B 115 3.33 29.61 -22.65
CA VAL B 115 4.40 28.67 -22.96
C VAL B 115 4.91 28.87 -24.39
N LEU B 116 4.01 29.01 -25.35
CA LEU B 116 4.44 29.13 -26.74
C LEU B 116 5.23 30.41 -26.97
N GLU B 117 4.80 31.50 -26.34
CA GLU B 117 5.54 32.75 -26.45
C GLU B 117 6.90 32.63 -25.78
N TYR B 118 6.97 31.92 -24.66
CA TYR B 118 8.23 31.77 -23.96
C TYR B 118 9.21 30.93 -24.76
N LEU B 119 8.72 29.90 -25.45
N LEU B 119 8.70 29.89 -25.42
CA LEU B 119 9.62 29.09 -26.26
CA LEU B 119 9.54 29.08 -26.30
C LEU B 119 10.29 29.93 -27.34
C LEU B 119 10.27 29.95 -27.30
N VAL B 120 9.53 30.82 -27.98
CA VAL B 120 10.14 31.71 -28.98
C VAL B 120 11.06 32.71 -28.30
N SER B 121 10.64 33.28 -27.15
CA SER B 121 11.44 34.31 -26.48
C SER B 121 12.79 33.77 -26.06
N PHE B 122 12.82 32.59 -25.43
CA PHE B 122 14.10 32.00 -25.03
C PHE B 122 14.91 31.58 -26.25
N GLY B 123 14.25 30.96 -27.23
CA GLY B 123 14.96 30.54 -28.43
C GLY B 123 15.64 31.69 -29.16
N VAL B 124 15.00 32.86 -29.16
CA VAL B 124 15.61 34.04 -29.77
C VAL B 124 16.71 34.59 -28.88
N TRP B 125 16.48 34.65 -27.56
CA TRP B 125 17.49 35.17 -26.65
C TRP B 125 18.79 34.36 -26.74
N ILE B 126 18.69 33.02 -26.71
CA ILE B 126 19.90 32.19 -26.68
C ILE B 126 20.65 32.26 -28.01
N ARG B 127 19.97 32.64 -29.08
CA ARG B 127 20.63 32.83 -30.36
C ARG B 127 21.22 34.21 -30.53
N THR B 128 20.97 35.15 -29.61
CA THR B 128 21.58 36.45 -29.69
C THR B 128 22.98 36.38 -29.07
N PRO B 129 23.99 36.96 -29.70
CA PRO B 129 25.35 36.92 -29.14
C PRO B 129 25.35 37.37 -27.70
N PRO B 130 26.04 36.64 -26.81
CA PRO B 130 25.97 36.96 -25.37
C PRO B 130 26.37 38.39 -25.06
N ALA B 131 27.35 38.93 -25.78
CA ALA B 131 27.77 40.31 -25.52
C ALA B 131 26.74 41.34 -25.96
N ALA B 132 25.74 40.94 -26.74
CA ALA B 132 24.75 41.88 -27.26
C ALA B 132 23.37 41.72 -26.64
N ARG B 133 23.19 40.79 -25.70
CA ARG B 133 21.85 40.47 -25.24
C ARG B 133 21.72 40.78 -23.76
N PRO B 134 20.49 40.84 -23.23
CA PRO B 134 20.33 41.04 -21.78
C PRO B 134 21.03 39.93 -21.01
N PRO B 135 21.65 40.26 -19.89
CA PRO B 135 22.46 39.27 -19.17
C PRO B 135 21.66 38.09 -18.63
N ASN B 136 20.40 38.28 -18.26
CA ASN B 136 19.60 37.20 -17.72
C ASN B 136 18.59 36.71 -18.74
N ALA B 137 18.24 35.43 -18.62
CA ALA B 137 17.30 34.83 -19.54
C ALA B 137 15.90 35.41 -19.29
N PRO B 138 15.04 35.37 -20.30
CA PRO B 138 13.64 35.72 -20.05
C PRO B 138 13.03 34.73 -19.06
N ILE B 139 11.95 35.16 -18.41
CA ILE B 139 11.36 34.41 -17.30
C ILE B 139 9.98 33.93 -17.73
N LEU B 140 9.73 32.64 -17.56
CA LEU B 140 8.49 32.04 -18.06
C LEU B 140 7.27 32.70 -17.40
N SER B 141 7.30 32.88 -16.07
CA SER B 141 6.13 33.38 -15.37
C SER B 141 5.80 34.83 -15.72
N THR B 142 6.77 35.61 -16.20
CA THR B 142 6.51 37.00 -16.57
C THR B 142 5.81 37.10 -17.93
N GLU B 150 -8.69 25.44 -13.47
CA GLU B 150 -9.29 24.41 -14.31
C GLU B 150 -9.96 25.03 -15.55
N ASN B 151 -9.27 24.96 -16.68
CA ASN B 151 -9.81 25.46 -17.93
C ASN B 151 -10.85 24.49 -18.50
N LEU B 152 -11.54 24.94 -19.54
CA LEU B 152 -12.43 24.11 -20.34
C LEU B 152 -11.80 23.88 -21.70
N TYR B 153 -12.08 22.72 -22.29
CA TYR B 153 -11.39 22.31 -23.51
C TYR B 153 -12.41 22.01 -24.60
N PHE B 154 -12.46 22.90 -25.60
CA PHE B 154 -13.05 22.57 -26.88
C PHE B 154 -12.16 21.57 -27.61
N GLN B 155 -12.59 21.21 -28.80
CA GLN B 155 -11.78 20.38 -29.67
C GLN B 155 -10.43 21.03 -29.98
N MET C 1 1.96 0.97 12.81
CA MET C 1 1.54 2.34 12.55
C MET C 1 2.47 3.06 11.60
N ASP C 2 1.87 3.88 10.75
CA ASP C 2 2.62 4.66 9.77
C ASP C 2 2.23 6.12 9.96
N ILE C 3 2.99 6.84 10.77
CA ILE C 3 2.73 8.23 11.07
C ILE C 3 3.69 9.07 10.25
N ASP C 4 3.15 10.01 9.48
CA ASP C 4 3.93 11.01 8.77
C ASP C 4 3.93 12.26 9.63
N PRO C 5 5.08 12.74 10.11
CA PRO C 5 5.06 13.86 11.07
C PRO C 5 4.55 15.16 10.44
N TYR C 6 4.50 15.25 9.12
CA TYR C 6 4.03 16.46 8.45
C TYR C 6 2.54 16.46 8.18
N LYS C 7 1.88 15.30 8.29
CA LYS C 7 0.53 15.18 7.76
C LYS C 7 -0.48 16.05 8.50
N GLU C 8 -0.40 16.12 9.83
CA GLU C 8 -1.31 17.01 10.56
C GLU C 8 -1.01 18.47 10.30
N PHE C 9 0.11 18.79 9.66
CA PHE C 9 0.47 20.16 9.31
C PHE C 9 0.30 20.44 7.83
N GLY C 10 -0.41 19.58 7.11
CA GLY C 10 -0.69 19.81 5.69
C GLY C 10 0.44 19.52 4.73
N ALA C 11 1.40 18.69 5.11
CA ALA C 11 2.51 18.36 4.22
C ALA C 11 2.76 16.86 4.34
N THR C 12 3.83 16.40 3.69
CA THR C 12 4.21 15.00 3.72
C THR C 12 5.73 14.92 3.68
N VAL C 13 6.25 13.77 4.07
CA VAL C 13 7.67 13.51 3.92
C VAL C 13 8.12 13.68 2.47
N GLU C 14 7.30 13.20 1.53
CA GLU C 14 7.66 13.26 0.12
C GLU C 14 7.76 14.70 -0.36
N LEU C 15 6.91 15.58 0.17
CA LEU C 15 6.95 16.97 -0.26
C LEU C 15 8.22 17.66 0.26
N LEU C 16 8.59 17.44 1.53
CA LEU C 16 9.85 18.01 2.01
C LEU C 16 11.04 17.45 1.25
N SER C 17 10.93 16.20 0.77
N SER C 17 10.95 16.21 0.76
CA SER C 17 11.97 15.57 -0.04
CA SER C 17 12.06 15.66 0.01
C SER C 17 12.21 16.31 -1.35
C SER C 17 12.16 16.22 -1.42
N PHE C 18 11.24 17.10 -1.82
CA PHE C 18 11.40 17.83 -3.07
C PHE C 18 12.54 18.84 -2.97
N LEU C 19 12.93 19.21 -1.78
N LEU C 19 12.99 19.17 -1.74
CA LEU C 19 14.00 20.18 -1.69
CA LEU C 19 14.02 20.20 -1.57
C LEU C 19 15.36 19.48 -1.59
C LEU C 19 15.39 19.56 -1.47
N PRO C 20 16.40 20.05 -2.20
CA PRO C 20 17.73 19.46 -2.09
C PRO C 20 18.27 19.68 -0.69
N SER C 21 19.18 18.81 -0.27
CA SER C 21 19.66 18.91 1.11
C SER C 21 20.36 20.24 1.36
N ASP C 22 21.00 20.81 0.34
CA ASP C 22 21.73 22.07 0.46
C ASP C 22 20.82 23.25 0.75
N PHE C 23 19.52 23.12 0.53
CA PHE C 23 18.58 24.19 0.81
C PHE C 23 18.49 24.48 2.31
N PHE C 24 18.64 23.47 3.15
CA PHE C 24 18.32 23.62 4.57
C PHE C 24 19.53 24.13 5.36
N PRO C 25 19.29 25.04 6.30
CA PRO C 25 20.33 25.36 7.29
C PRO C 25 20.76 24.11 8.05
N SER C 26 21.88 24.22 8.75
CA SER C 26 22.34 23.13 9.58
C SER C 26 21.44 22.99 10.81
N VAL C 27 21.48 21.81 11.44
CA VAL C 27 20.69 21.61 12.66
C VAL C 27 21.08 22.63 13.73
N ARG C 28 22.38 22.84 13.90
CA ARG C 28 22.83 23.80 14.91
C ARG C 28 22.25 25.18 14.65
N ASP C 29 22.25 25.61 13.38
CA ASP C 29 21.72 26.93 13.06
C ASP C 29 20.20 26.98 13.19
N LEU C 30 19.52 25.85 12.90
CA LEU C 30 18.08 25.80 13.15
C LEU C 30 17.77 25.90 14.63
N LEU C 31 18.54 25.17 15.46
CA LEU C 31 18.32 25.23 16.91
C LEU C 31 18.62 26.61 17.47
N ASP C 32 19.70 27.26 16.99
CA ASP C 32 19.99 28.62 17.43
C ASP C 32 18.86 29.57 17.07
N THR C 33 18.27 29.37 15.90
CA THR C 33 17.21 30.26 15.42
C THR C 33 15.91 30.04 16.19
N ALA C 34 15.59 28.77 16.50
CA ALA C 34 14.42 28.48 17.33
C ALA C 34 14.55 29.17 18.68
N ALA C 35 15.74 29.13 19.26
CA ALA C 35 15.98 29.80 20.53
C ALA C 35 15.89 31.32 20.38
N ALA C 36 16.58 31.90 19.38
CA ALA C 36 16.59 33.35 19.25
C ALA C 36 15.18 33.90 19.08
N LEU C 37 14.33 33.19 18.34
CA LEU C 37 13.00 33.68 18.01
C LEU C 37 11.89 33.18 18.92
N TYR C 38 11.99 31.96 19.45
CA TYR C 38 10.83 31.34 20.08
C TYR C 38 11.14 30.72 21.44
N ARG C 39 12.25 31.09 22.06
CA ARG C 39 12.63 30.45 23.32
C ARG C 39 11.53 30.57 24.36
N ASP C 40 11.03 31.79 24.58
CA ASP C 40 10.07 32.01 25.65
C ASP C 40 8.82 31.17 25.45
N ALA C 41 8.30 31.15 24.22
CA ALA C 41 7.12 30.32 23.96
C ALA C 41 7.43 28.83 24.10
N LEU C 42 8.58 28.38 23.60
CA LEU C 42 8.90 26.95 23.66
C LEU C 42 9.06 26.48 25.10
N GLU C 43 9.54 27.35 25.98
CA GLU C 43 9.73 27.02 27.38
C GLU C 43 8.50 27.31 28.24
N SER C 44 7.43 27.86 27.67
CA SER C 44 6.31 28.29 28.49
C SER C 44 5.38 27.14 28.84
N PRO C 45 4.52 27.33 29.84
CA PRO C 45 3.51 26.30 30.15
C PRO C 45 2.33 26.26 29.20
N GLU C 46 2.30 27.12 28.19
CA GLU C 46 1.21 27.15 27.20
C GLU C 46 1.58 26.30 25.99
N HIS C 47 0.61 25.52 25.50
CA HIS C 47 0.79 24.81 24.23
C HIS C 47 1.23 25.75 23.12
N CYS C 48 0.58 26.92 23.04
CA CYS C 48 0.82 27.95 22.02
C CYS C 48 0.29 27.51 20.64
N SER C 49 0.79 26.42 20.09
CA SER C 49 0.30 25.94 18.80
C SER C 49 0.77 24.50 18.59
N PRO C 50 0.13 23.79 17.67
CA PRO C 50 0.64 22.46 17.30
C PRO C 50 2.07 22.48 16.80
N HIS C 51 2.47 23.53 16.07
CA HIS C 51 3.87 23.63 15.65
C HIS C 51 4.79 23.77 16.87
N HIS C 52 4.39 24.53 17.89
CA HIS C 52 5.22 24.61 19.09
C HIS C 52 5.34 23.25 19.77
N THR C 53 4.22 22.54 19.90
CA THR C 53 4.27 21.24 20.55
C THR C 53 5.20 20.30 19.80
N ALA C 54 5.07 20.26 18.46
CA ALA C 54 5.93 19.38 17.69
C ALA C 54 7.39 19.80 17.74
N LEU C 55 7.64 21.11 17.64
CA LEU C 55 9.00 21.60 17.64
C LEU C 55 9.69 21.30 18.96
N ARG C 56 8.95 21.45 20.08
CA ARG C 56 9.50 21.05 21.38
C ARG C 56 10.01 19.61 21.34
N GLN C 57 9.18 18.70 20.81
CA GLN C 57 9.59 17.29 20.82
C GLN C 57 10.76 17.06 19.88
N ALA C 58 10.77 17.71 18.71
CA ALA C 58 11.89 17.53 17.78
C ALA C 58 13.19 18.04 18.37
N ILE C 59 13.16 19.19 19.04
CA ILE C 59 14.37 19.69 19.69
C ILE C 59 14.89 18.69 20.72
N LEU C 60 13.99 18.18 21.57
CA LEU C 60 14.42 17.24 22.60
C LEU C 60 14.88 15.92 21.98
N CYS C 61 14.22 15.48 20.91
CA CYS C 61 14.62 14.24 20.25
C CYS C 61 16.03 14.35 19.68
N TRP C 62 16.35 15.49 19.04
CA TRP C 62 17.70 15.67 18.54
C TRP C 62 18.72 15.58 19.67
N GLY C 63 18.40 16.19 20.81
CA GLY C 63 19.26 16.03 21.98
C GLY C 63 19.48 14.58 22.35
N ASP C 64 18.40 13.77 22.35
CA ASP C 64 18.52 12.33 22.61
C ASP C 64 19.43 11.65 21.60
N LEU C 65 19.24 11.95 20.32
CA LEU C 65 20.06 11.33 19.28
C LEU C 65 21.53 11.75 19.43
N MET C 66 21.79 13.01 19.76
CA MET C 66 23.17 13.48 19.88
C MET C 66 23.85 12.93 21.13
N THR C 67 23.11 12.79 22.24
CA THR C 67 23.70 12.14 23.41
C THR C 67 24.13 10.72 23.07
N LEU C 68 23.30 9.99 22.32
CA LEU C 68 23.69 8.65 21.91
C LEU C 68 24.87 8.68 20.95
N ALA C 69 24.80 9.52 19.91
CA ALA C 69 25.87 9.57 18.92
C ALA C 69 27.20 10.03 19.53
N THR C 70 27.15 10.99 20.45
CA THR C 70 28.37 11.44 21.13
C THR C 70 28.93 10.34 22.03
N TRP C 71 28.06 9.66 22.78
CA TRP C 71 28.53 8.59 23.67
C TRP C 71 29.23 7.51 22.87
N VAL C 72 28.66 7.12 21.74
CA VAL C 72 29.33 6.18 20.85
C VAL C 72 30.59 6.80 20.26
N GLY C 73 30.48 8.04 19.78
CA GLY C 73 31.60 8.69 19.11
C GLY C 73 32.82 8.89 19.99
N THR C 74 32.60 9.31 21.24
CA THR C 74 33.75 9.54 22.13
C THR C 74 34.49 8.25 22.46
N ASN C 75 33.85 7.10 22.30
CA ASN C 75 34.40 5.82 22.73
C ASN C 75 35.04 5.04 21.60
N LEU C 76 35.09 5.57 20.38
CA LEU C 76 35.71 4.87 19.26
C LEU C 76 37.19 5.20 19.16
N GLU C 77 37.97 4.21 18.70
CA GLU C 77 39.42 4.32 18.63
C GLU C 77 39.93 4.77 17.26
N ASP C 78 39.20 4.46 16.19
CA ASP C 78 39.57 4.80 14.82
C ASP C 78 38.93 6.12 14.41
N PRO C 79 39.71 7.10 13.95
CA PRO C 79 39.09 8.32 13.39
C PRO C 79 38.32 8.06 12.10
N ALA C 80 38.66 7.01 11.34
CA ALA C 80 37.82 6.61 10.23
C ALA C 80 36.46 6.12 10.72
N SER C 81 36.41 5.56 11.93
CA SER C 81 35.16 5.09 12.50
C SER C 81 34.33 6.26 13.03
N ARG C 82 34.97 7.24 13.66
CA ARG C 82 34.26 8.44 14.07
C ARG C 82 33.73 9.21 12.87
N ASP C 83 34.52 9.29 11.80
CA ASP C 83 34.04 9.88 10.56
C ASP C 83 32.85 9.10 10.01
N LEU C 84 32.78 7.79 10.30
CA LEU C 84 31.65 7.00 9.82
C LEU C 84 30.37 7.36 10.55
N VAL C 85 30.44 7.59 11.86
CA VAL C 85 29.26 7.98 12.63
C VAL C 85 28.78 9.36 12.18
N VAL C 86 29.71 10.32 12.15
CA VAL C 86 29.38 11.68 11.72
C VAL C 86 28.77 11.65 10.32
N SER C 87 29.40 10.93 9.39
CA SER C 87 28.87 10.88 8.04
C SER C 87 27.54 10.12 7.98
N TYR C 88 27.35 9.15 8.87
CA TYR C 88 26.07 8.45 8.89
C TYR C 88 24.98 9.37 9.41
N VAL C 89 25.26 10.12 10.48
CA VAL C 89 24.28 11.06 11.02
C VAL C 89 23.97 12.16 10.01
N ASN C 90 25.01 12.76 9.43
CA ASN C 90 24.78 13.88 8.52
C ASN C 90 23.98 13.46 7.31
N THR C 91 24.19 12.22 6.83
CA THR C 91 23.53 11.77 5.62
C THR C 91 22.12 11.29 5.89
N ASN C 92 21.82 10.82 7.11
CA ASN C 92 20.51 10.23 7.34
C ASN C 92 19.66 11.01 8.33
N VAL C 93 19.84 10.75 9.63
CA VAL C 93 18.92 11.38 10.58
C VAL C 93 19.17 12.89 10.67
N GLY C 94 20.39 13.35 10.41
CA GLY C 94 20.65 14.79 10.39
C GLY C 94 19.83 15.51 9.33
N LEU C 95 19.71 14.92 8.14
CA LEU C 95 18.90 15.55 7.10
C LEU C 95 17.44 15.53 7.47
N LYS C 96 16.96 14.43 8.06
CA LYS C 96 15.57 14.37 8.48
C LYS C 96 15.23 15.50 9.44
N PHE C 97 16.14 15.79 10.38
CA PHE C 97 15.84 16.83 11.37
C PHE C 97 16.04 18.23 10.82
N ARG C 98 16.94 18.41 9.85
CA ARG C 98 17.01 19.70 9.19
C ARG C 98 15.70 20.02 8.48
N GLN C 99 15.13 19.03 7.78
CA GLN C 99 13.82 19.22 7.15
C GLN C 99 12.77 19.56 8.17
N LEU C 100 12.71 18.76 9.25
CA LEU C 100 11.63 18.88 10.23
C LEU C 100 11.74 20.18 11.03
N LEU C 101 12.94 20.48 11.52
CA LEU C 101 13.11 21.72 12.28
C LEU C 101 12.86 22.93 11.40
N TRP C 102 13.36 22.91 10.16
CA TRP C 102 13.11 24.01 9.25
C TRP C 102 11.62 24.19 9.00
N PHE C 103 10.90 23.07 8.77
CA PHE C 103 9.47 23.15 8.49
C PHE C 103 8.73 23.84 9.64
N HIS C 104 9.02 23.45 10.89
CA HIS C 104 8.26 24.04 11.99
C HIS C 104 8.67 25.50 12.20
N ILE C 105 9.96 25.81 12.09
CA ILE C 105 10.40 27.19 12.30
C ILE C 105 9.84 28.11 11.21
N SER C 106 9.91 27.66 9.96
CA SER C 106 9.40 28.50 8.86
C SER C 106 7.89 28.68 8.99
N CYS C 107 7.16 27.62 9.37
CA CYS C 107 5.71 27.74 9.55
C CYS C 107 5.38 28.69 10.69
N LEU C 108 6.15 28.65 11.79
CA LEU C 108 5.89 29.57 12.89
C LEU C 108 6.13 31.01 12.47
N THR C 109 7.00 31.23 11.50
CA THR C 109 7.35 32.58 11.08
C THR C 109 6.46 33.10 9.97
N PHE C 110 6.10 32.25 9.01
CA PHE C 110 5.41 32.70 7.80
C PHE C 110 4.07 32.03 7.55
N GLY C 111 3.71 30.99 8.29
CA GLY C 111 2.44 30.33 8.02
C GLY C 111 2.57 29.21 7.00
N ARG C 112 1.69 28.20 7.15
CA ARG C 112 1.72 27.01 6.30
C ARG C 112 1.67 27.35 4.81
N GLU C 113 0.73 28.22 4.41
CA GLU C 113 0.51 28.43 2.98
C GLU C 113 1.74 29.02 2.31
N THR C 114 2.37 30.01 2.94
CA THR C 114 3.62 30.57 2.41
C THR C 114 4.73 29.53 2.35
N VAL C 115 4.85 28.69 3.38
CA VAL C 115 5.92 27.69 3.40
C VAL C 115 5.72 26.65 2.30
N LEU C 116 4.50 26.14 2.13
CA LEU C 116 4.28 25.12 1.11
C LEU C 116 4.51 25.68 -0.29
N GLU C 117 4.10 26.92 -0.53
CA GLU C 117 4.36 27.53 -1.83
C GLU C 117 5.85 27.72 -2.06
N TYR C 118 6.58 28.11 -1.01
CA TYR C 118 8.02 28.32 -1.16
C TYR C 118 8.74 27.00 -1.43
N LEU C 119 8.33 25.92 -0.75
N LEU C 119 8.32 25.93 -0.76
CA LEU C 119 8.90 24.60 -1.02
CA LEU C 119 8.90 24.61 -1.00
C LEU C 119 8.89 24.31 -2.50
C LEU C 119 8.87 24.27 -2.49
N VAL C 120 7.72 24.46 -3.13
CA VAL C 120 7.61 24.19 -4.55
C VAL C 120 8.41 25.21 -5.36
N SER C 121 8.34 26.49 -4.99
N SER C 121 8.34 26.49 -4.99
CA SER C 121 9.01 27.52 -5.76
CA SER C 121 9.02 27.53 -5.78
C SER C 121 10.52 27.30 -5.80
C SER C 121 10.53 27.29 -5.81
N PHE C 122 11.12 27.02 -4.64
CA PHE C 122 12.57 26.77 -4.62
C PHE C 122 12.89 25.45 -5.31
N GLY C 123 12.11 24.40 -5.06
CA GLY C 123 12.38 23.12 -5.69
C GLY C 123 12.31 23.20 -7.20
N VAL C 124 11.44 24.05 -7.74
CA VAL C 124 11.37 24.26 -9.18
C VAL C 124 12.54 25.12 -9.67
N TRP C 125 12.88 26.17 -8.93
CA TRP C 125 14.00 27.02 -9.34
C TRP C 125 15.30 26.23 -9.44
N ILE C 126 15.59 25.41 -8.41
CA ILE C 126 16.87 24.71 -8.38
C ILE C 126 16.95 23.62 -9.44
N ARG C 127 15.81 23.15 -9.93
CA ARG C 127 15.77 22.18 -11.02
C ARG C 127 15.79 22.84 -12.40
N THR C 128 15.72 24.15 -12.48
CA THR C 128 15.85 24.83 -13.76
C THR C 128 17.34 25.00 -14.09
N PRO C 129 17.76 24.74 -15.32
CA PRO C 129 19.19 24.89 -15.64
C PRO C 129 19.70 26.26 -15.25
N PRO C 130 20.87 26.32 -14.61
CA PRO C 130 21.35 27.61 -14.07
C PRO C 130 21.46 28.70 -15.14
N ALA C 131 21.88 28.36 -16.35
CA ALA C 131 21.98 29.36 -17.40
C ALA C 131 20.63 29.85 -17.88
N ALA C 132 19.53 29.19 -17.49
CA ALA C 132 18.20 29.57 -17.96
C ALA C 132 17.32 30.17 -16.87
N ARG C 133 17.81 30.30 -15.63
CA ARG C 133 16.97 30.68 -14.51
C ARG C 133 17.43 32.01 -13.93
N PRO C 134 16.59 32.68 -13.15
CA PRO C 134 17.02 33.93 -12.50
C PRO C 134 18.22 33.70 -11.61
N PRO C 135 19.15 34.67 -11.55
CA PRO C 135 20.38 34.44 -10.79
C PRO C 135 20.16 34.22 -9.31
N ASN C 136 19.13 34.83 -8.71
CA ASN C 136 18.89 34.70 -7.29
C ASN C 136 17.73 33.76 -7.00
N ALA C 137 17.80 33.13 -5.84
CA ALA C 137 16.76 32.21 -5.44
C ALA C 137 15.48 32.98 -5.10
N PRO C 138 14.32 32.33 -5.20
CA PRO C 138 13.11 32.95 -4.67
C PRO C 138 13.26 33.16 -3.17
N ILE C 139 12.46 34.07 -2.64
CA ILE C 139 12.58 34.53 -1.25
C ILE C 139 11.35 34.06 -0.48
N LEU C 140 11.59 33.44 0.67
CA LEU C 140 10.50 32.86 1.43
C LEU C 140 9.48 33.92 1.86
N SER C 141 9.96 35.05 2.38
CA SER C 141 9.06 36.05 2.94
C SER C 141 8.19 36.74 1.90
N THR C 142 8.64 36.80 0.65
CA THR C 142 7.87 37.52 -0.37
C THR C 142 6.66 36.70 -0.80
N LEU C 143 5.47 37.24 -0.53
CA LEU C 143 4.14 36.88 -1.07
C LEU C 143 3.10 37.08 0.01
N MET D 1 18.69 26.28 25.56
CA MET D 1 17.25 26.15 25.76
C MET D 1 16.98 25.01 26.74
N ASP D 2 15.99 25.20 27.61
CA ASP D 2 15.67 24.23 28.66
C ASP D 2 14.18 23.90 28.57
N ILE D 3 13.84 22.89 27.77
CA ILE D 3 12.46 22.51 27.52
C ILE D 3 12.15 21.23 28.31
N ASP D 4 11.08 21.30 29.10
CA ASP D 4 10.54 20.15 29.79
C ASP D 4 9.36 19.67 28.96
N PRO D 5 9.38 18.45 28.40
CA PRO D 5 8.29 18.04 27.50
C PRO D 5 6.95 17.90 28.21
N TYR D 6 6.95 17.84 29.55
CA TYR D 6 5.70 17.72 30.29
C TYR D 6 5.10 19.08 30.65
N LYS D 7 5.87 20.16 30.53
CA LYS D 7 5.45 21.43 31.12
C LYS D 7 4.19 21.99 30.46
N GLU D 8 4.08 21.91 29.13
CA GLU D 8 2.86 22.38 28.49
C GLU D 8 1.65 21.52 28.83
N PHE D 9 1.88 20.34 29.43
CA PHE D 9 0.81 19.43 29.82
C PHE D 9 0.58 19.45 31.32
N GLY D 10 1.08 20.46 32.01
CA GLY D 10 0.82 20.58 33.43
C GLY D 10 1.59 19.63 34.31
N ALA D 11 2.72 19.11 33.84
CA ALA D 11 3.53 18.19 34.62
C ALA D 11 5.00 18.56 34.46
N THR D 12 5.87 17.72 35.02
CA THR D 12 7.32 17.92 34.94
C THR D 12 8.00 16.57 34.85
N VAL D 13 9.26 16.59 34.39
CA VAL D 13 10.09 15.39 34.41
C VAL D 13 10.19 14.84 35.83
N GLU D 14 10.34 15.72 36.83
CA GLU D 14 10.52 15.26 38.21
C GLU D 14 9.29 14.51 38.71
N LEU D 15 8.11 14.90 38.26
CA LEU D 15 6.88 14.25 38.69
C LEU D 15 6.76 12.83 38.12
N LEU D 16 7.06 12.65 36.82
CA LEU D 16 7.09 11.30 36.26
C LEU D 16 8.18 10.46 36.92
N SER D 17 9.29 11.09 37.34
CA SER D 17 10.37 10.32 37.93
C SER D 17 10.04 9.83 39.33
N PHE D 18 8.96 10.33 39.94
CA PHE D 18 8.47 9.77 41.20
C PHE D 18 8.07 8.31 41.05
N LEU D 19 7.80 7.85 39.79
CA LEU D 19 7.39 6.45 39.68
C LEU D 19 8.62 5.59 39.43
N PRO D 20 8.70 4.41 40.04
CA PRO D 20 9.82 3.51 39.74
C PRO D 20 9.69 2.95 38.34
N SER D 21 10.83 2.51 37.78
CA SER D 21 10.79 2.04 36.39
C SER D 21 9.85 0.85 36.23
N ASP D 22 9.72 0.01 37.27
CA ASP D 22 8.86 -1.17 37.19
C ASP D 22 7.40 -0.83 37.03
N PHE D 23 7.00 0.42 37.31
CA PHE D 23 5.61 0.83 37.13
C PHE D 23 5.23 0.83 35.66
N PHE D 24 6.16 1.12 34.77
CA PHE D 24 5.80 1.42 33.40
C PHE D 24 5.81 0.16 32.52
N PRO D 25 4.82 0.02 31.65
CA PRO D 25 4.92 -0.98 30.59
C PRO D 25 6.17 -0.78 29.75
N SER D 26 6.51 -1.80 28.97
CA SER D 26 7.65 -1.73 28.06
C SER D 26 7.31 -0.79 26.89
N VAL D 27 8.35 -0.32 26.19
CA VAL D 27 8.12 0.55 25.04
C VAL D 27 7.28 -0.18 24.00
N ARG D 28 7.62 -1.43 23.71
CA ARG D 28 6.86 -2.15 22.70
C ARG D 28 5.40 -2.28 23.08
N ASP D 29 5.11 -2.54 24.37
CA ASP D 29 3.71 -2.66 24.79
C ASP D 29 3.00 -1.31 24.78
N LEU D 30 3.71 -0.22 25.09
CA LEU D 30 3.12 1.11 24.96
C LEU D 30 2.82 1.44 23.51
N LEU D 31 3.73 1.08 22.60
CA LEU D 31 3.49 1.34 21.18
C LEU D 31 2.32 0.51 20.66
N ASP D 32 2.22 -0.77 21.09
CA ASP D 32 1.08 -1.59 20.71
C ASP D 32 -0.24 -0.99 21.17
N THR D 33 -0.27 -0.50 22.42
N THR D 33 -0.26 -0.48 22.41
CA THR D 33 -1.49 0.05 22.98
CA THR D 33 -1.49 0.08 22.97
C THR D 33 -1.86 1.37 22.29
C THR D 33 -1.87 1.39 22.31
N ALA D 34 -0.88 2.22 21.98
CA ALA D 34 -1.18 3.46 21.25
C ALA D 34 -1.84 3.14 19.92
N ALA D 35 -1.37 2.09 19.23
CA ALA D 35 -2.00 1.69 17.98
C ALA D 35 -3.41 1.14 18.23
N ALA D 36 -3.55 0.22 19.21
CA ALA D 36 -4.84 -0.42 19.43
C ALA D 36 -5.92 0.61 19.75
N LEU D 37 -5.57 1.66 20.50
CA LEU D 37 -6.56 2.64 20.91
C LEU D 37 -6.62 3.88 20.03
N TYR D 38 -5.52 4.30 19.42
CA TYR D 38 -5.46 5.63 18.81
C TYR D 38 -4.87 5.66 17.42
N ARG D 39 -4.69 4.50 16.77
N ARG D 39 -4.69 4.50 16.77
CA ARG D 39 -4.02 4.46 15.46
CA ARG D 39 -4.01 4.48 15.47
C ARG D 39 -4.68 5.41 14.47
C ARG D 39 -4.67 5.42 14.48
N ASP D 40 -6.01 5.36 14.35
CA ASP D 40 -6.69 6.18 13.36
C ASP D 40 -6.49 7.67 13.61
N ALA D 41 -6.62 8.11 14.86
CA ALA D 41 -6.39 9.53 15.16
C ALA D 41 -4.93 9.92 14.93
N LEU D 42 -3.98 9.07 15.37
CA LEU D 42 -2.57 9.41 15.23
C LEU D 42 -2.17 9.50 13.76
N GLU D 43 -2.79 8.71 12.90
CA GLU D 43 -2.51 8.73 11.47
C GLU D 43 -3.38 9.73 10.70
N SER D 44 -4.27 10.47 11.37
CA SER D 44 -5.22 11.31 10.66
C SER D 44 -4.59 12.65 10.26
N PRO D 45 -5.23 13.39 9.34
CA PRO D 45 -4.74 14.74 9.00
C PRO D 45 -5.09 15.79 10.04
N GLU D 46 -5.74 15.42 11.13
CA GLU D 46 -6.20 16.35 12.16
C GLU D 46 -5.27 16.33 13.36
N HIS D 47 -4.96 17.52 13.89
CA HIS D 47 -4.17 17.62 15.11
C HIS D 47 -4.76 16.75 16.22
N CYS D 48 -6.09 16.81 16.37
CA CYS D 48 -6.87 16.11 17.40
C CYS D 48 -6.67 16.76 18.76
N SER D 49 -5.44 16.79 19.28
CA SER D 49 -5.16 17.44 20.55
C SER D 49 -3.66 17.61 20.70
N PRO D 50 -3.22 18.49 21.60
CA PRO D 50 -1.78 18.56 21.90
C PRO D 50 -1.19 17.24 22.33
N HIS D 51 -1.94 16.40 23.08
CA HIS D 51 -1.41 15.09 23.44
C HIS D 51 -1.17 14.24 22.20
N HIS D 52 -2.07 14.29 21.21
CA HIS D 52 -1.88 13.51 19.99
C HIS D 52 -0.62 13.98 19.25
N THR D 53 -0.47 15.30 19.13
CA THR D 53 0.70 15.83 18.44
C THR D 53 1.98 15.38 19.13
N ALA D 54 2.02 15.47 20.47
CA ALA D 54 3.24 15.08 21.17
C ALA D 54 3.48 13.57 21.05
N LEU D 55 2.42 12.79 21.17
CA LEU D 55 2.56 11.34 21.07
C LEU D 55 3.04 10.91 19.69
N ARG D 56 2.55 11.56 18.62
CA ARG D 56 3.10 11.28 17.30
C ARG D 56 4.62 11.46 17.27
N GLN D 57 5.11 12.58 17.81
CA GLN D 57 6.55 12.81 17.73
C GLN D 57 7.32 11.82 18.58
N ALA D 58 6.78 11.46 19.76
CA ALA D 58 7.49 10.53 20.63
C ALA D 58 7.61 9.17 19.96
N ILE D 59 6.54 8.72 19.32
CA ILE D 59 6.59 7.44 18.60
C ILE D 59 7.66 7.47 17.52
N LEU D 60 7.68 8.53 16.72
CA LEU D 60 8.65 8.61 15.63
C LEU D 60 10.07 8.77 16.18
N CYS D 61 10.22 9.53 17.27
CA CYS D 61 11.55 9.71 17.85
C CYS D 61 12.13 8.39 18.33
N TRP D 62 11.31 7.56 18.98
CA TRP D 62 11.82 6.26 19.38
C TRP D 62 12.32 5.48 18.17
N GLY D 63 11.55 5.52 17.07
CA GLY D 63 12.02 4.90 15.84
C GLY D 63 13.38 5.40 15.38
N ASP D 64 13.57 6.72 15.42
CA ASP D 64 14.87 7.33 15.09
C ASP D 64 15.97 6.79 15.98
N LEU D 65 15.71 6.76 17.29
CA LEU D 65 16.71 6.26 18.23
C LEU D 65 17.03 4.80 17.96
N MET D 66 16.02 3.99 17.67
CA MET D 66 16.29 2.58 17.41
C MET D 66 17.05 2.40 16.11
N THR D 67 16.73 3.20 15.08
CA THR D 67 17.49 3.11 13.83
C THR D 67 18.95 3.45 14.06
N LEU D 68 19.23 4.50 14.83
CA LEU D 68 20.62 4.86 15.13
C LEU D 68 21.28 3.78 15.98
N ALA D 69 20.62 3.33 17.05
CA ALA D 69 21.21 2.32 17.91
C ALA D 69 21.47 1.02 17.15
N THR D 70 20.55 0.66 16.26
CA THR D 70 20.75 -0.55 15.46
C THR D 70 21.94 -0.40 14.53
N TRP D 71 22.06 0.74 13.86
CA TRP D 71 23.21 0.94 12.99
C TRP D 71 24.52 0.90 13.78
N VAL D 72 24.54 1.49 14.98
CA VAL D 72 25.73 1.41 15.82
C VAL D 72 26.05 -0.05 16.15
N GLY D 73 25.04 -0.83 16.49
CA GLY D 73 25.27 -2.23 16.79
C GLY D 73 25.86 -2.98 15.62
N THR D 74 25.43 -2.62 14.41
CA THR D 74 25.89 -3.27 13.19
C THR D 74 27.40 -3.11 12.99
N ASN D 75 27.97 -2.00 13.46
CA ASN D 75 29.39 -1.75 13.26
C ASN D 75 30.27 -2.27 14.39
N LEU D 76 29.70 -2.63 15.53
CA LEU D 76 30.50 -3.09 16.66
C LEU D 76 30.99 -4.51 16.42
N GLU D 77 32.29 -4.73 16.64
CA GLU D 77 32.87 -6.04 16.41
C GLU D 77 32.90 -6.90 17.67
N ASP D 78 32.78 -6.29 18.84
CA ASP D 78 32.80 -7.02 20.11
C ASP D 78 31.37 -7.33 20.55
N PRO D 79 31.02 -8.60 20.80
CA PRO D 79 29.67 -8.88 21.32
C PRO D 79 29.40 -8.25 22.67
N ALA D 80 30.42 -7.98 23.48
CA ALA D 80 30.21 -7.31 24.76
C ALA D 80 29.96 -5.81 24.57
N SER D 81 30.53 -5.21 23.52
CA SER D 81 30.23 -3.82 23.21
C SER D 81 28.77 -3.66 22.80
N ARG D 82 28.26 -4.60 22.00
CA ARG D 82 26.85 -4.55 21.59
C ARG D 82 25.94 -4.61 22.81
N ASP D 83 26.25 -5.48 23.77
CA ASP D 83 25.51 -5.54 25.02
C ASP D 83 25.57 -4.21 25.77
N LEU D 84 26.68 -3.49 25.65
CA LEU D 84 26.81 -2.21 26.34
C LEU D 84 25.82 -1.19 25.78
N VAL D 85 25.65 -1.16 24.46
CA VAL D 85 24.71 -0.21 23.84
C VAL D 85 23.29 -0.53 24.26
N VAL D 86 22.91 -1.81 24.20
CA VAL D 86 21.57 -2.22 24.64
C VAL D 86 21.33 -1.75 26.07
N SER D 87 22.25 -2.08 26.97
CA SER D 87 22.05 -1.71 28.37
C SER D 87 22.05 -0.19 28.57
N TYR D 88 22.77 0.53 27.73
CA TYR D 88 22.76 1.99 27.81
C TYR D 88 21.42 2.55 27.34
N VAL D 89 20.88 2.00 26.26
CA VAL D 89 19.57 2.41 25.77
C VAL D 89 18.48 2.10 26.80
N ASN D 90 18.45 0.86 27.31
CA ASN D 90 17.40 0.48 28.24
C ASN D 90 17.45 1.29 29.53
N THR D 91 18.66 1.60 29.99
CA THR D 91 18.78 2.25 31.29
C THR D 91 18.56 3.75 31.20
N ASN D 92 18.73 4.36 30.03
CA ASN D 92 18.61 5.80 29.94
C ASN D 92 17.42 6.21 29.08
N VAL D 93 17.59 6.21 27.76
CA VAL D 93 16.52 6.74 26.91
C VAL D 93 15.29 5.82 26.94
N GLY D 94 15.48 4.53 27.18
CA GLY D 94 14.33 3.63 27.28
C GLY D 94 13.36 4.01 28.39
N LEU D 95 13.88 4.30 29.58
CA LEU D 95 12.99 4.71 30.67
C LEU D 95 12.35 6.05 30.37
N LYS D 96 13.13 6.97 29.80
CA LYS D 96 12.58 8.28 29.44
C LYS D 96 11.38 8.12 28.51
N PHE D 97 11.49 7.24 27.51
CA PHE D 97 10.38 7.12 26.56
C PHE D 97 9.22 6.29 27.10
N ARG D 98 9.49 5.35 28.01
CA ARG D 98 8.39 4.68 28.69
C ARG D 98 7.58 5.69 29.49
N GLN D 99 8.25 6.57 30.23
CA GLN D 99 7.54 7.62 30.96
C GLN D 99 6.73 8.47 30.02
N LEU D 100 7.35 8.90 28.92
CA LEU D 100 6.71 9.86 28.02
C LEU D 100 5.54 9.23 27.27
N LEU D 101 5.76 8.06 26.69
CA LEU D 101 4.68 7.38 25.98
C LEU D 101 3.53 7.04 26.93
N TRP D 102 3.85 6.56 28.13
CA TRP D 102 2.81 6.23 29.11
C TRP D 102 2.02 7.49 29.48
N PHE D 103 2.73 8.60 29.71
CA PHE D 103 2.05 9.84 30.09
C PHE D 103 1.02 10.25 29.04
N HIS D 104 1.38 10.22 27.75
CA HIS D 104 0.42 10.69 26.77
C HIS D 104 -0.70 9.69 26.57
N ILE D 105 -0.39 8.40 26.57
CA ILE D 105 -1.44 7.39 26.41
C ILE D 105 -2.42 7.43 27.58
N SER D 106 -1.89 7.50 28.80
CA SER D 106 -2.77 7.54 29.96
C SER D 106 -3.59 8.84 29.99
N CYS D 107 -3.01 9.98 29.63
CA CYS D 107 -3.78 11.22 29.64
C CYS D 107 -4.91 11.18 28.61
N LEU D 108 -4.65 10.61 27.43
CA LEU D 108 -5.69 10.53 26.42
C LEU D 108 -6.83 9.63 26.87
N THR D 109 -6.54 8.64 27.71
CA THR D 109 -7.55 7.68 28.12
C THR D 109 -8.31 8.14 29.36
N PHE D 110 -7.62 8.73 30.33
CA PHE D 110 -8.21 9.04 31.62
C PHE D 110 -8.20 10.50 32.01
N GLY D 111 -7.52 11.38 31.27
CA GLY D 111 -7.44 12.77 31.66
C GLY D 111 -6.23 13.08 32.53
N ARG D 112 -5.62 14.25 32.28
CA ARG D 112 -4.45 14.70 33.03
C ARG D 112 -4.66 14.66 34.54
N GLU D 113 -5.78 15.21 35.03
CA GLU D 113 -5.92 15.33 36.48
C GLU D 113 -5.94 13.95 37.14
N THR D 114 -6.65 13.00 36.54
CA THR D 114 -6.68 11.63 37.04
C THR D 114 -5.28 11.00 37.00
N VAL D 115 -4.55 11.24 35.90
CA VAL D 115 -3.22 10.65 35.75
C VAL D 115 -2.27 11.17 36.82
N LEU D 116 -2.26 12.49 37.03
CA LEU D 116 -1.35 13.04 38.03
C LEU D 116 -1.70 12.54 39.44
N GLU D 117 -2.99 12.42 39.75
CA GLU D 117 -3.37 11.86 41.05
C GLU D 117 -2.94 10.41 41.18
N TYR D 118 -3.07 9.64 40.09
CA TYR D 118 -2.65 8.25 40.14
C TYR D 118 -1.14 8.14 40.30
N LEU D 119 -0.40 9.04 39.65
N LEU D 119 -0.37 9.00 39.62
CA LEU D 119 1.05 9.13 39.84
CA LEU D 119 1.07 8.96 39.79
C LEU D 119 1.43 9.17 41.31
C LEU D 119 1.47 9.12 41.25
N VAL D 120 0.83 10.10 42.05
N VAL D 120 0.83 10.06 41.94
CA VAL D 120 1.23 10.24 43.45
CA VAL D 120 1.16 10.25 43.35
C VAL D 120 0.64 9.12 44.30
C VAL D 120 0.70 9.05 44.16
N SER D 121 -0.52 8.58 43.93
CA SER D 121 -1.09 7.50 44.72
C SER D 121 -0.24 6.22 44.61
N PHE D 122 0.16 5.86 43.40
CA PHE D 122 1.00 4.68 43.22
C PHE D 122 2.40 4.91 43.81
N GLY D 123 2.99 6.09 43.55
CA GLY D 123 4.31 6.38 44.08
C GLY D 123 4.38 6.30 45.59
N VAL D 124 3.29 6.70 46.27
CA VAL D 124 3.24 6.58 47.72
C VAL D 124 3.04 5.12 48.13
N TRP D 125 2.16 4.39 47.42
CA TRP D 125 1.91 2.99 47.74
C TRP D 125 3.20 2.17 47.62
N ILE D 126 3.95 2.33 46.53
CA ILE D 126 5.12 1.49 46.28
C ILE D 126 6.23 1.82 47.27
N ARG D 127 6.22 3.01 47.85
CA ARG D 127 7.18 3.39 48.89
C ARG D 127 6.75 2.95 50.27
N THR D 128 5.55 2.45 50.44
CA THR D 128 5.17 1.94 51.74
C THR D 128 5.68 0.51 51.89
N PRO D 129 6.25 0.15 53.04
CA PRO D 129 6.77 -1.21 53.21
C PRO D 129 5.71 -2.24 52.84
N PRO D 130 6.09 -3.26 52.08
CA PRO D 130 5.08 -4.21 51.57
C PRO D 130 4.26 -4.86 52.68
N ALA D 131 4.88 -5.16 53.81
CA ALA D 131 4.12 -5.76 54.90
C ALA D 131 3.15 -4.80 55.57
N ALA D 132 3.26 -3.49 55.31
CA ALA D 132 2.42 -2.50 55.96
C ALA D 132 1.38 -1.88 55.04
N ARG D 133 1.32 -2.28 53.78
CA ARG D 133 0.47 -1.62 52.80
C ARG D 133 -0.59 -2.58 52.28
N PRO D 134 -1.64 -2.09 51.63
CA PRO D 134 -2.63 -2.97 51.00
C PRO D 134 -1.99 -3.87 49.96
N PRO D 135 -2.44 -5.12 49.84
CA PRO D 135 -1.74 -6.06 48.95
C PRO D 135 -1.77 -5.67 47.49
N ASN D 136 -2.81 -5.01 47.02
CA ASN D 136 -2.91 -4.66 45.59
C ASN D 136 -2.66 -3.18 45.36
N ALA D 137 -2.19 -2.90 44.16
CA ALA D 137 -1.88 -1.55 43.76
C ALA D 137 -3.16 -0.74 43.59
N PRO D 138 -3.08 0.58 43.70
CA PRO D 138 -4.24 1.39 43.32
C PRO D 138 -4.50 1.23 41.84
N ILE D 139 -5.74 1.51 41.45
CA ILE D 139 -6.23 1.23 40.09
C ILE D 139 -6.51 2.57 39.42
N LEU D 140 -5.94 2.75 38.23
CA LEU D 140 -6.03 4.03 37.54
C LEU D 140 -7.48 4.36 37.19
N SER D 141 -8.21 3.39 36.63
CA SER D 141 -9.57 3.67 36.17
C SER D 141 -10.53 3.91 37.32
N THR D 142 -10.20 3.42 38.52
CA THR D 142 -11.08 3.56 39.68
C THR D 142 -11.04 4.96 40.27
N LEU D 143 -10.13 5.82 39.80
CA LEU D 143 -10.07 7.17 40.32
C LEU D 143 -11.24 7.99 39.80
N PRO D 144 -11.65 9.05 40.53
CA PRO D 144 -12.76 9.90 40.09
C PRO D 144 -12.37 10.87 38.99
N GLU D 150 -12.75 20.87 29.50
CA GLU D 150 -12.04 20.33 28.36
C GLU D 150 -11.86 21.38 27.25
N ASN D 151 -10.64 21.90 27.14
CA ASN D 151 -10.32 22.91 26.13
C ASN D 151 -10.39 22.30 24.73
N LEU D 152 -10.82 23.12 23.77
CA LEU D 152 -11.03 22.66 22.40
C LEU D 152 -9.85 22.96 21.47
N TYR D 153 -8.87 23.74 21.91
CA TYR D 153 -7.59 23.91 21.20
C TYR D 153 -7.79 24.42 19.77
N PHE D 154 -8.48 25.55 19.67
CA PHE D 154 -8.71 26.18 18.38
C PHE D 154 -7.42 26.74 17.80
N GLN D 155 -7.21 26.49 16.51
CA GLN D 155 -6.18 27.20 15.74
C GLN D 155 -6.52 27.13 14.26
N MET E 1 -6.32 -9.99 -4.41
CA MET E 1 -7.41 -9.78 -3.45
C MET E 1 -6.86 -9.84 -2.03
N ASP E 2 -7.33 -8.92 -1.18
CA ASP E 2 -6.85 -8.81 0.20
C ASP E 2 -8.08 -8.82 1.11
N ILE E 3 -8.46 -10.01 1.57
CA ILE E 3 -9.65 -10.15 2.40
C ILE E 3 -9.22 -10.36 3.84
N ASP E 4 -9.76 -9.52 4.73
CA ASP E 4 -9.59 -9.68 6.16
C ASP E 4 -10.84 -10.35 6.69
N PRO E 5 -10.74 -11.58 7.24
CA PRO E 5 -11.96 -12.30 7.64
C PRO E 5 -12.72 -11.64 8.77
N TYR E 6 -12.10 -10.71 9.49
CA TYR E 6 -12.77 -10.01 10.58
C TYR E 6 -13.50 -8.76 10.12
N LYS E 7 -13.21 -8.27 8.91
CA LYS E 7 -13.62 -6.92 8.53
C LYS E 7 -15.14 -6.78 8.46
N GLU E 8 -15.84 -7.76 7.89
CA GLU E 8 -17.30 -7.70 7.86
C GLU E 8 -17.92 -7.85 9.24
N PHE E 9 -17.14 -8.21 10.26
CA PHE E 9 -17.64 -8.36 11.63
C PHE E 9 -17.15 -7.24 12.54
N GLY E 10 -16.65 -6.15 11.97
CA GLY E 10 -16.22 -5.00 12.73
C GLY E 10 -14.88 -5.13 13.41
N ALA E 11 -14.00 -6.00 12.93
CA ALA E 11 -12.69 -6.16 13.55
C ALA E 11 -11.65 -6.28 12.44
N THR E 12 -10.40 -6.55 12.83
CA THR E 12 -9.29 -6.71 11.89
C THR E 12 -8.34 -7.76 12.44
N VAL E 13 -7.48 -8.29 11.56
CA VAL E 13 -6.43 -9.19 12.02
C VAL E 13 -5.54 -8.50 13.06
N GLU E 14 -5.15 -7.24 12.83
CA GLU E 14 -4.26 -6.57 13.78
C GLU E 14 -4.91 -6.37 15.15
N LEU E 15 -6.23 -6.24 15.20
CA LEU E 15 -6.89 -6.11 16.49
C LEU E 15 -6.84 -7.43 17.28
N LEU E 16 -7.12 -8.55 16.63
CA LEU E 16 -6.98 -9.83 17.29
C LEU E 16 -5.53 -10.08 17.69
N SER E 17 -4.58 -9.54 16.92
N SER E 17 -4.57 -9.57 16.91
CA SER E 17 -3.16 -9.69 17.19
CA SER E 17 -3.17 -9.77 17.25
C SER E 17 -2.73 -8.99 18.46
C SER E 17 -2.72 -8.95 18.45
N PHE E 18 -3.56 -8.06 18.96
CA PHE E 18 -3.24 -7.35 20.19
C PHE E 18 -3.23 -8.29 21.38
N LEU E 19 -3.88 -9.47 21.25
CA LEU E 19 -3.92 -10.42 22.37
C LEU E 19 -2.74 -11.38 22.32
N PRO E 20 -2.11 -11.67 23.45
CA PRO E 20 -1.04 -12.67 23.46
C PRO E 20 -1.60 -14.03 23.11
N SER E 21 -0.74 -14.89 22.56
CA SER E 21 -1.22 -16.20 22.14
C SER E 21 -1.77 -16.99 23.31
N ASP E 22 -1.21 -16.80 24.51
CA ASP E 22 -1.66 -17.52 25.69
C ASP E 22 -3.09 -17.19 26.11
N PHE E 23 -3.63 -16.07 25.61
CA PHE E 23 -5.01 -15.71 25.94
C PHE E 23 -6.02 -16.71 25.40
N PHE E 24 -5.74 -17.31 24.27
CA PHE E 24 -6.75 -18.08 23.53
C PHE E 24 -6.78 -19.53 23.97
N PRO E 25 -7.99 -20.10 24.12
CA PRO E 25 -8.10 -21.56 24.26
C PRO E 25 -7.47 -22.26 23.06
N SER E 26 -7.25 -23.56 23.22
CA SER E 26 -6.74 -24.37 22.12
C SER E 26 -7.80 -24.54 21.04
N VAL E 27 -7.35 -24.91 19.83
CA VAL E 27 -8.31 -25.19 18.76
C VAL E 27 -9.27 -26.30 19.20
N ARG E 28 -8.73 -27.38 19.75
CA ARG E 28 -9.58 -28.50 20.16
C ARG E 28 -10.64 -28.04 21.16
N ASP E 29 -10.26 -27.19 22.11
CA ASP E 29 -11.23 -26.74 23.11
C ASP E 29 -12.24 -25.77 22.52
N LEU E 30 -11.82 -24.95 21.54
CA LEU E 30 -12.78 -24.09 20.85
C LEU E 30 -13.78 -24.91 20.06
N LEU E 31 -13.32 -25.95 19.38
CA LEU E 31 -14.23 -26.80 18.61
C LEU E 31 -15.19 -27.57 19.52
N ASP E 32 -14.69 -28.10 20.63
CA ASP E 32 -15.58 -28.78 21.56
C ASP E 32 -16.62 -27.84 22.13
N THR E 33 -16.24 -26.57 22.33
CA THR E 33 -17.17 -25.58 22.87
C THR E 33 -18.20 -25.15 21.83
N ALA E 34 -17.77 -24.97 20.57
CA ALA E 34 -18.71 -24.67 19.51
C ALA E 34 -19.77 -25.75 19.39
N ALA E 35 -19.35 -27.01 19.53
CA ALA E 35 -20.31 -28.11 19.47
C ALA E 35 -21.25 -28.09 20.67
N ALA E 36 -20.70 -27.95 21.88
CA ALA E 36 -21.55 -27.99 23.07
C ALA E 36 -22.60 -26.89 23.05
N LEU E 37 -22.24 -25.72 22.52
CA LEU E 37 -23.15 -24.58 22.54
C LEU E 37 -23.94 -24.41 21.26
N TYR E 38 -23.39 -24.78 20.10
CA TYR E 38 -23.97 -24.39 18.82
C TYR E 38 -24.07 -25.54 17.83
N ARG E 39 -23.93 -26.80 18.25
CA ARG E 39 -23.93 -27.90 17.29
C ARG E 39 -25.19 -27.88 16.43
N ASP E 40 -26.36 -27.78 17.06
CA ASP E 40 -27.61 -27.85 16.30
C ASP E 40 -27.73 -26.70 15.31
N ALA E 41 -27.39 -25.49 15.72
CA ALA E 41 -27.48 -24.36 14.80
C ALA E 41 -26.49 -24.50 13.65
N LEU E 42 -25.26 -24.92 13.95
CA LEU E 42 -24.21 -25.05 12.92
C LEU E 42 -24.58 -26.11 11.90
N GLU E 43 -25.27 -27.17 12.31
CA GLU E 43 -25.67 -28.25 11.41
C GLU E 43 -27.02 -28.02 10.75
N SER E 44 -27.68 -26.90 11.03
CA SER E 44 -29.04 -26.70 10.54
C SER E 44 -29.03 -26.21 9.10
N PRO E 45 -30.16 -26.34 8.40
CA PRO E 45 -30.26 -25.78 7.04
C PRO E 45 -30.44 -24.28 6.99
N GLU E 46 -30.51 -23.59 8.14
CA GLU E 46 -30.69 -22.15 8.17
C GLU E 46 -29.34 -21.45 8.32
N HIS E 47 -29.22 -20.28 7.69
CA HIS E 47 -28.01 -19.48 7.85
C HIS E 47 -27.77 -19.13 9.32
N CYS E 48 -28.85 -18.77 10.04
CA CYS E 48 -28.82 -18.36 11.44
C CYS E 48 -28.21 -16.98 11.61
N SER E 49 -26.96 -16.80 11.21
CA SER E 49 -26.32 -15.49 11.29
C SER E 49 -25.03 -15.51 10.48
N PRO E 50 -24.52 -14.34 10.10
CA PRO E 50 -23.21 -14.30 9.43
C PRO E 50 -22.11 -14.95 10.25
N HIS E 51 -22.14 -14.82 11.58
CA HIS E 51 -21.16 -15.50 12.40
C HIS E 51 -21.27 -17.02 12.26
N HIS E 52 -22.49 -17.55 12.20
CA HIS E 52 -22.68 -18.99 12.00
C HIS E 52 -22.10 -19.44 10.67
N THR E 53 -22.38 -18.68 9.60
CA THR E 53 -21.85 -19.03 8.29
C THR E 53 -20.33 -19.06 8.31
N ALA E 54 -19.70 -18.03 8.90
CA ALA E 54 -18.25 -17.98 8.94
C ALA E 54 -17.67 -19.09 9.80
N LEU E 55 -18.27 -19.33 10.97
CA LEU E 55 -17.76 -20.36 11.88
C LEU E 55 -17.84 -21.74 11.24
N ARG E 56 -18.92 -22.03 10.52
CA ARG E 56 -19.00 -23.28 9.77
C ARG E 56 -17.78 -23.48 8.88
N GLN E 57 -17.41 -22.46 8.10
CA GLN E 57 -16.30 -22.64 7.18
C GLN E 57 -14.99 -22.81 7.94
N ALA E 58 -14.81 -22.06 9.04
CA ALA E 58 -13.57 -22.16 9.80
C ALA E 58 -13.40 -23.55 10.39
N ILE E 59 -14.47 -24.11 10.93
CA ILE E 59 -14.42 -25.47 11.47
C ILE E 59 -13.99 -26.45 10.38
N LEU E 60 -14.62 -26.37 9.21
CA LEU E 60 -14.29 -27.30 8.13
C LEU E 60 -12.88 -27.06 7.59
N CYS E 61 -12.44 -25.79 7.54
CA CYS E 61 -11.09 -25.51 7.09
C CYS E 61 -10.05 -26.14 8.01
N TRP E 62 -10.26 -26.05 9.32
CA TRP E 62 -9.32 -26.69 10.22
C TRP E 62 -9.21 -28.18 9.96
N GLY E 63 -10.36 -28.83 9.71
CA GLY E 63 -10.32 -30.23 9.31
C GLY E 63 -9.44 -30.47 8.09
N ASP E 64 -9.57 -29.61 7.08
CA ASP E 64 -8.71 -29.71 5.89
C ASP E 64 -7.24 -29.58 6.27
N LEU E 65 -6.92 -28.60 7.10
CA LEU E 65 -5.53 -28.37 7.46
C LEU E 65 -4.93 -29.54 8.23
N MET E 66 -5.70 -30.12 9.18
CA MET E 66 -5.13 -31.20 9.98
C MET E 66 -4.98 -32.48 9.16
N THR E 67 -5.91 -32.78 8.25
CA THR E 67 -5.71 -33.92 7.38
C THR E 67 -4.43 -33.76 6.56
N LEU E 68 -4.18 -32.55 6.06
CA LEU E 68 -2.96 -32.26 5.33
C LEU E 68 -1.72 -32.36 6.22
N ALA E 69 -1.78 -31.72 7.40
CA ALA E 69 -0.62 -31.74 8.29
C ALA E 69 -0.29 -33.15 8.75
N THR E 70 -1.32 -33.97 8.99
CA THR E 70 -1.07 -35.37 9.36
C THR E 70 -0.44 -36.13 8.21
N TRP E 71 -0.96 -35.93 6.99
CA TRP E 71 -0.37 -36.61 5.83
C TRP E 71 1.08 -36.20 5.66
N VAL E 72 1.37 -34.90 5.85
CA VAL E 72 2.76 -34.43 5.82
C VAL E 72 3.56 -35.08 6.95
N GLY E 73 3.01 -35.13 8.15
CA GLY E 73 3.73 -35.71 9.26
C GLY E 73 4.00 -37.20 9.09
N THR E 74 3.00 -37.95 8.60
CA THR E 74 3.16 -39.39 8.46
C THR E 74 4.20 -39.81 7.43
N ASN E 75 4.62 -38.91 6.54
CA ASN E 75 5.46 -39.37 5.44
C ASN E 75 6.92 -39.58 5.88
N LEU E 76 7.44 -38.70 6.72
CA LEU E 76 8.85 -38.73 7.12
C LEU E 76 8.95 -38.88 8.64
N GLU E 77 9.34 -40.07 9.11
CA GLU E 77 9.45 -40.33 10.55
C GLU E 77 10.84 -39.95 11.06
N ASP E 78 11.19 -38.67 10.84
CA ASP E 78 12.40 -38.07 11.42
C ASP E 78 11.98 -37.07 12.48
N PRO E 79 12.33 -37.27 13.75
CA PRO E 79 11.71 -36.48 14.82
C PRO E 79 11.87 -34.98 14.68
N ALA E 80 13.05 -34.51 14.27
CA ALA E 80 13.25 -33.07 14.11
C ALA E 80 12.32 -32.50 13.06
N SER E 81 12.26 -33.15 11.89
CA SER E 81 11.39 -32.67 10.82
C SER E 81 9.91 -32.79 11.21
N ARG E 82 9.55 -33.85 11.93
CA ARG E 82 8.18 -33.99 12.41
C ARG E 82 7.84 -32.92 13.43
N ASP E 83 8.74 -32.68 14.38
CA ASP E 83 8.54 -31.63 15.37
C ASP E 83 8.50 -30.24 14.74
N LEU E 84 8.96 -30.09 13.50
CA LEU E 84 8.82 -28.81 12.81
C LEU E 84 7.42 -28.59 12.27
N VAL E 85 6.74 -29.67 11.85
CA VAL E 85 5.36 -29.54 11.38
C VAL E 85 4.44 -29.08 12.51
N VAL E 86 4.49 -29.78 13.64
CA VAL E 86 3.65 -29.41 14.76
C VAL E 86 4.05 -28.04 15.30
N SER E 87 5.35 -27.70 15.24
CA SER E 87 5.75 -26.40 15.75
C SER E 87 5.38 -25.28 14.79
N TYR E 88 5.33 -25.57 13.48
CA TYR E 88 4.87 -24.58 12.52
C TYR E 88 3.37 -24.34 12.67
N VAL E 89 2.61 -25.42 12.84
CA VAL E 89 1.18 -25.32 13.10
C VAL E 89 0.92 -24.55 14.39
N ASN E 90 1.65 -24.92 15.45
CA ASN E 90 1.40 -24.28 16.74
C ASN E 90 1.67 -22.78 16.70
N THR E 91 2.75 -22.39 16.01
CA THR E 91 3.12 -20.98 16.02
C THR E 91 2.41 -20.16 14.94
N ASN E 92 1.93 -20.79 13.86
CA ASN E 92 1.36 -20.01 12.77
C ASN E 92 -0.13 -20.26 12.54
N VAL E 93 -0.48 -21.32 11.80
CA VAL E 93 -1.89 -21.47 11.46
C VAL E 93 -2.73 -21.84 12.68
N GLY E 94 -2.15 -22.55 13.66
CA GLY E 94 -2.89 -22.83 14.87
C GLY E 94 -3.33 -21.57 15.59
N LEU E 95 -2.41 -20.60 15.70
CA LEU E 95 -2.76 -19.33 16.35
C LEU E 95 -3.80 -18.58 15.54
N LYS E 96 -3.67 -18.58 14.21
CA LYS E 96 -4.67 -17.92 13.38
C LYS E 96 -6.06 -18.48 13.63
N PHE E 97 -6.17 -19.81 13.75
CA PHE E 97 -7.50 -20.39 13.93
C PHE E 97 -7.98 -20.27 15.37
N ARG E 98 -7.08 -20.23 16.35
CA ARG E 98 -7.52 -19.94 17.71
C ARG E 98 -8.14 -18.56 17.79
N GLN E 99 -7.50 -17.56 17.17
CA GLN E 99 -8.08 -16.22 17.12
C GLN E 99 -9.44 -16.22 16.46
N LEU E 100 -9.55 -16.87 15.31
CA LEU E 100 -10.75 -16.81 14.49
C LEU E 100 -11.91 -17.55 15.15
N LEU E 101 -11.65 -18.79 15.58
CA LEU E 101 -12.70 -19.57 16.23
C LEU E 101 -13.15 -18.87 17.52
N TRP E 102 -12.20 -18.36 18.30
CA TRP E 102 -12.59 -17.66 19.51
C TRP E 102 -13.45 -16.44 19.19
N PHE E 103 -13.03 -15.66 18.18
CA PHE E 103 -13.79 -14.47 17.80
C PHE E 103 -15.25 -14.81 17.47
N HIS E 104 -15.48 -15.86 16.67
CA HIS E 104 -16.86 -16.16 16.32
C HIS E 104 -17.63 -16.75 17.50
N ILE E 105 -17.00 -17.61 18.30
CA ILE E 105 -17.70 -18.19 19.45
C ILE E 105 -18.01 -17.12 20.49
N SER E 106 -17.04 -16.24 20.79
CA SER E 106 -17.29 -15.21 21.78
C SER E 106 -18.36 -14.23 21.29
N CYS E 107 -18.32 -13.87 19.99
CA CYS E 107 -19.32 -12.95 19.45
C CYS E 107 -20.71 -13.57 19.49
N LEU E 108 -20.83 -14.86 19.19
CA LEU E 108 -22.14 -15.51 19.25
C LEU E 108 -22.68 -15.55 20.66
N THR E 109 -21.79 -15.56 21.65
CA THR E 109 -22.21 -15.72 23.04
C THR E 109 -22.47 -14.37 23.70
N PHE E 110 -21.64 -13.36 23.42
CA PHE E 110 -21.69 -12.09 24.12
C PHE E 110 -21.94 -10.87 23.26
N GLY E 111 -21.92 -11.00 21.93
CA GLY E 111 -22.11 -9.83 21.09
C GLY E 111 -20.81 -9.14 20.75
N ARG E 112 -20.80 -8.52 19.56
CA ARG E 112 -19.58 -7.92 19.00
C ARG E 112 -18.99 -6.85 19.92
N GLU E 113 -19.84 -5.95 20.41
CA GLU E 113 -19.31 -4.80 21.16
C GLU E 113 -18.64 -5.26 22.46
N THR E 114 -19.26 -6.21 23.17
CA THR E 114 -18.64 -6.75 24.38
C THR E 114 -17.31 -7.41 24.06
N VAL E 115 -17.25 -8.15 22.95
CA VAL E 115 -16.01 -8.84 22.58
C VAL E 115 -14.91 -7.83 22.25
N LEU E 116 -15.22 -6.82 21.45
CA LEU E 116 -14.18 -5.88 21.06
C LEU E 116 -13.64 -5.11 22.26
N GLU E 117 -14.53 -4.70 23.18
CA GLU E 117 -14.07 -4.03 24.38
C GLU E 117 -13.22 -4.95 25.24
N TYR E 118 -13.59 -6.23 25.31
CA TYR E 118 -12.81 -7.16 26.12
C TYR E 118 -11.43 -7.38 25.54
N LEU E 119 -11.33 -7.46 24.21
N LEU E 119 -11.32 -7.46 24.21
CA LEU E 119 -10.03 -7.60 23.55
CA LEU E 119 -10.02 -7.62 23.58
C LEU E 119 -9.07 -6.53 24.01
C LEU E 119 -9.07 -6.52 24.04
N VAL E 120 -9.55 -5.29 24.07
CA VAL E 120 -8.69 -4.18 24.46
C VAL E 120 -8.42 -4.23 25.95
N SER E 121 -9.45 -4.53 26.75
CA SER E 121 -9.27 -4.60 28.20
C SER E 121 -8.22 -5.62 28.59
N PHE E 122 -8.32 -6.84 28.04
CA PHE E 122 -7.34 -7.85 28.39
C PHE E 122 -5.96 -7.49 27.85
N GLY E 123 -5.91 -7.04 26.60
CA GLY E 123 -4.63 -6.69 26.02
C GLY E 123 -3.91 -5.60 26.79
N VAL E 124 -4.67 -4.65 27.35
CA VAL E 124 -4.06 -3.62 28.19
C VAL E 124 -3.68 -4.18 29.55
N TRP E 125 -4.54 -5.03 30.14
CA TRP E 125 -4.23 -5.61 31.44
C TRP E 125 -2.93 -6.41 31.39
N ILE E 126 -2.79 -7.27 30.36
CA ILE E 126 -1.63 -8.17 30.31
C ILE E 126 -0.35 -7.38 30.04
N ARG E 127 -0.46 -6.19 29.48
CA ARG E 127 0.71 -5.35 29.26
C ARG E 127 1.05 -4.48 30.45
N THR E 128 0.20 -4.46 31.49
CA THR E 128 0.54 -3.72 32.70
C THR E 128 1.43 -4.60 33.57
N PRO E 129 2.50 -4.08 34.16
CA PRO E 129 3.39 -4.91 34.96
C PRO E 129 2.61 -5.65 36.03
N PRO E 130 2.89 -6.94 36.23
CA PRO E 130 2.07 -7.74 37.15
C PRO E 130 2.01 -7.17 38.56
N ALA E 131 3.10 -6.59 39.07
CA ALA E 131 3.06 -6.00 40.39
C ALA E 131 2.23 -4.73 40.46
N ALA E 132 1.83 -4.15 39.33
CA ALA E 132 1.08 -2.89 39.33
C ALA E 132 -0.38 -3.04 38.92
N ARG E 133 -0.84 -4.24 38.61
CA ARG E 133 -2.15 -4.44 38.02
C ARG E 133 -3.03 -5.28 38.95
N PRO E 134 -4.34 -5.30 38.73
CA PRO E 134 -5.21 -6.18 39.53
C PRO E 134 -4.80 -7.62 39.39
N PRO E 135 -4.88 -8.40 40.47
CA PRO E 135 -4.38 -9.77 40.42
C PRO E 135 -5.12 -10.66 39.44
N ASN E 136 -6.42 -10.44 39.23
CA ASN E 136 -7.20 -11.28 38.33
C ASN E 136 -7.46 -10.58 37.00
N ALA E 137 -7.61 -11.39 35.96
CA ALA E 137 -7.86 -10.86 34.63
C ALA E 137 -9.26 -10.27 34.56
N PRO E 138 -9.50 -9.34 33.64
CA PRO E 138 -10.88 -8.90 33.41
C PRO E 138 -11.69 -10.07 32.91
N ILE E 139 -13.01 -9.97 33.05
CA ILE E 139 -13.93 -11.07 32.79
C ILE E 139 -14.79 -10.71 31.58
N LEU E 140 -14.84 -11.61 30.61
CA LEU E 140 -15.51 -11.30 29.34
C LEU E 140 -16.98 -10.97 29.57
N SER E 141 -17.68 -11.78 30.37
CA SER E 141 -19.13 -11.62 30.52
C SER E 141 -19.53 -10.36 31.27
N THR E 142 -18.66 -9.78 32.09
CA THR E 142 -19.00 -8.57 32.84
C THR E 142 -18.98 -7.36 31.92
N LEU E 143 -20.12 -6.71 31.73
CA LEU E 143 -20.15 -5.45 30.98
C LEU E 143 -19.69 -4.31 31.88
N MET F 1 -19.26 -33.25 15.41
CA MET F 1 -20.03 -32.33 14.58
C MET F 1 -19.87 -32.70 13.11
N ASP F 2 -20.97 -32.66 12.37
CA ASP F 2 -20.98 -33.04 10.95
C ASP F 2 -21.61 -31.88 10.18
N ILE F 3 -20.77 -30.99 9.68
CA ILE F 3 -21.24 -29.81 8.96
C ILE F 3 -21.05 -30.02 7.47
N ASP F 4 -22.14 -29.85 6.72
CA ASP F 4 -22.10 -29.84 5.27
C ASP F 4 -22.07 -28.38 4.83
N PRO F 5 -21.01 -27.91 4.17
CA PRO F 5 -20.94 -26.46 3.87
C PRO F 5 -22.01 -26.00 2.89
N TYR F 6 -22.66 -26.91 2.18
CA TYR F 6 -23.70 -26.55 1.23
C TYR F 6 -25.10 -26.52 1.83
N LYS F 7 -25.28 -27.09 3.03
CA LYS F 7 -26.63 -27.34 3.52
C LYS F 7 -27.40 -26.04 3.76
N GLU F 8 -26.76 -25.04 4.37
CA GLU F 8 -27.43 -23.75 4.56
C GLU F 8 -27.73 -23.04 3.24
N PHE F 9 -27.16 -23.49 2.12
CA PHE F 9 -27.42 -22.89 0.81
C PHE F 9 -28.31 -23.78 -0.06
N GLY F 10 -28.99 -24.75 0.54
CA GLY F 10 -29.92 -25.58 -0.19
C GLY F 10 -29.30 -26.68 -1.03
N ALA F 11 -28.08 -27.10 -0.72
CA ALA F 11 -27.42 -28.16 -1.48
C ALA F 11 -26.72 -29.09 -0.51
N THR F 12 -25.98 -30.05 -1.05
CA THR F 12 -25.23 -31.01 -0.25
C THR F 12 -23.93 -31.34 -0.98
N VAL F 13 -22.98 -31.87 -0.22
CA VAL F 13 -21.76 -32.42 -0.82
C VAL F 13 -22.10 -33.47 -1.87
N GLU F 14 -23.09 -34.32 -1.59
CA GLU F 14 -23.41 -35.41 -2.50
C GLU F 14 -23.87 -34.86 -3.85
N LEU F 15 -24.58 -33.74 -3.84
CA LEU F 15 -25.09 -33.17 -5.08
C LEU F 15 -23.96 -32.55 -5.92
N LEU F 16 -23.05 -31.80 -5.28
CA LEU F 16 -21.91 -31.28 -6.02
C LEU F 16 -21.06 -32.40 -6.59
N SER F 17 -21.02 -33.54 -5.89
CA SER F 17 -20.29 -34.71 -6.36
C SER F 17 -20.86 -35.28 -7.64
N PHE F 18 -22.11 -34.92 -7.99
CA PHE F 18 -22.69 -35.40 -9.25
C PHE F 18 -21.93 -34.84 -10.45
N LEU F 19 -21.16 -33.77 -10.25
N LEU F 19 -21.20 -33.71 -10.27
CA LEU F 19 -20.49 -33.20 -11.41
CA LEU F 19 -20.48 -33.16 -11.41
C LEU F 19 -19.07 -33.73 -11.51
C LEU F 19 -19.09 -33.76 -11.50
N PRO F 20 -18.65 -34.17 -12.69
CA PRO F 20 -17.28 -34.69 -12.83
C PRO F 20 -16.26 -33.58 -12.65
N SER F 21 -15.05 -33.98 -12.28
CA SER F 21 -14.02 -32.97 -12.00
C SER F 21 -13.73 -32.11 -13.21
N ASP F 22 -13.87 -32.66 -14.43
CA ASP F 22 -13.61 -31.90 -15.65
C ASP F 22 -14.59 -30.74 -15.84
N PHE F 23 -15.74 -30.76 -15.17
CA PHE F 23 -16.71 -29.68 -15.29
C PHE F 23 -16.19 -28.37 -14.72
N PHE F 24 -15.38 -28.42 -13.69
CA PHE F 24 -15.04 -27.23 -12.92
C PHE F 24 -13.79 -26.53 -13.47
N PRO F 25 -13.84 -25.21 -13.52
CA PRO F 25 -12.61 -24.43 -13.72
C PRO F 25 -11.58 -24.76 -12.65
N SER F 26 -10.34 -24.37 -12.90
CA SER F 26 -9.26 -24.55 -11.92
C SER F 26 -9.46 -23.61 -10.74
N VAL F 27 -8.79 -23.92 -9.63
CA VAL F 27 -8.85 -23.01 -8.48
C VAL F 27 -8.35 -21.63 -8.85
N ARG F 28 -7.19 -21.56 -9.53
CA ARG F 28 -6.66 -20.25 -9.89
C ARG F 28 -7.66 -19.45 -10.74
N ASP F 29 -8.35 -20.13 -11.66
CA ASP F 29 -9.30 -19.41 -12.52
C ASP F 29 -10.55 -19.02 -11.76
N LEU F 30 -10.99 -19.85 -10.79
CA LEU F 30 -12.10 -19.45 -9.94
C LEU F 30 -11.75 -18.25 -9.08
N LEU F 31 -10.52 -18.25 -8.53
CA LEU F 31 -10.10 -17.11 -7.71
C LEU F 31 -9.98 -15.84 -8.55
N ASP F 32 -9.40 -15.95 -9.76
CA ASP F 32 -9.33 -14.79 -10.65
C ASP F 32 -10.72 -14.25 -10.98
N THR F 33 -11.70 -15.14 -11.17
CA THR F 33 -13.06 -14.70 -11.50
C THR F 33 -13.76 -14.06 -10.31
N ALA F 34 -13.60 -14.64 -9.11
CA ALA F 34 -14.15 -14.02 -7.91
C ALA F 34 -13.67 -12.60 -7.76
N ALA F 35 -12.38 -12.36 -8.02
CA ALA F 35 -11.83 -11.00 -7.96
C ALA F 35 -12.41 -10.11 -9.05
N ALA F 36 -12.43 -10.59 -10.29
CA ALA F 36 -12.91 -9.75 -11.40
C ALA F 36 -14.35 -9.32 -11.18
N LEU F 37 -15.18 -10.19 -10.62
CA LEU F 37 -16.60 -9.89 -10.45
C LEU F 37 -16.98 -9.37 -9.07
N TYR F 38 -16.29 -9.78 -8.00
CA TYR F 38 -16.79 -9.52 -6.65
C TYR F 38 -15.72 -8.98 -5.70
N ARG F 39 -14.57 -8.52 -6.20
CA ARG F 39 -13.51 -8.07 -5.31
C ARG F 39 -14.00 -7.00 -4.33
N ASP F 40 -14.67 -5.96 -4.84
CA ASP F 40 -15.08 -4.87 -3.97
C ASP F 40 -16.04 -5.34 -2.88
N ALA F 41 -17.02 -6.17 -3.24
CA ALA F 41 -17.94 -6.68 -2.24
C ALA F 41 -17.24 -7.59 -1.24
N LEU F 42 -16.36 -8.46 -1.72
CA LEU F 42 -15.67 -9.40 -0.83
C LEU F 42 -14.75 -8.67 0.15
N GLU F 43 -14.18 -7.54 -0.28
CA GLU F 43 -13.29 -6.77 0.57
C GLU F 43 -14.00 -5.71 1.39
N SER F 44 -15.32 -5.58 1.27
CA SER F 44 -16.03 -4.49 1.94
C SER F 44 -16.34 -4.84 3.40
N PRO F 45 -16.67 -3.84 4.21
CA PRO F 45 -17.09 -4.10 5.60
C PRO F 45 -18.51 -4.61 5.74
N GLU F 46 -19.22 -4.87 4.64
CA GLU F 46 -20.61 -5.32 4.68
C GLU F 46 -20.67 -6.83 4.45
N HIS F 47 -21.57 -7.51 5.16
CA HIS F 47 -21.78 -8.93 4.93
C HIS F 47 -22.12 -9.22 3.48
N CYS F 48 -22.98 -8.38 2.89
CA CYS F 48 -23.49 -8.48 1.52
C CYS F 48 -24.49 -9.62 1.38
N SER F 49 -24.07 -10.86 1.65
CA SER F 49 -24.95 -12.01 1.58
C SER F 49 -24.26 -13.18 2.27
N PRO F 50 -25.03 -14.21 2.67
CA PRO F 50 -24.38 -15.42 3.19
C PRO F 50 -23.38 -16.04 2.22
N HIS F 51 -23.68 -16.01 0.92
CA HIS F 51 -22.72 -16.51 -0.05
C HIS F 51 -21.40 -15.73 -0.02
N HIS F 52 -21.48 -14.39 0.15
CA HIS F 52 -20.25 -13.60 0.26
C HIS F 52 -19.45 -14.00 1.48
N THR F 53 -20.12 -14.15 2.62
CA THR F 53 -19.41 -14.56 3.83
C THR F 53 -18.72 -15.90 3.64
N ALA F 54 -19.43 -16.88 3.06
CA ALA F 54 -18.83 -18.20 2.90
C ALA F 54 -17.68 -18.17 1.90
N LEU F 55 -17.85 -17.45 0.79
CA LEU F 55 -16.80 -17.38 -0.23
C LEU F 55 -15.54 -16.71 0.32
N ARG F 56 -15.70 -15.67 1.14
CA ARG F 56 -14.54 -15.07 1.80
C ARG F 56 -13.71 -16.11 2.53
N GLN F 57 -14.38 -16.97 3.32
CA GLN F 57 -13.65 -17.97 4.08
C GLN F 57 -13.00 -19.01 3.18
N ALA F 58 -13.70 -19.43 2.11
CA ALA F 58 -13.13 -20.45 1.23
C ALA F 58 -11.86 -19.95 0.55
N ILE F 59 -11.88 -18.69 0.09
CA ILE F 59 -10.68 -18.10 -0.53
C ILE F 59 -9.52 -18.10 0.47
N LEU F 60 -9.78 -17.67 1.71
CA LEU F 60 -8.72 -17.60 2.70
C LEU F 60 -8.26 -19.00 3.10
N CYS F 61 -9.19 -19.96 3.17
CA CYS F 61 -8.80 -21.31 3.52
C CYS F 61 -7.86 -21.91 2.47
N TRP F 62 -8.14 -21.69 1.19
CA TRP F 62 -7.21 -22.19 0.17
C TRP F 62 -5.82 -21.59 0.36
N GLY F 63 -5.75 -20.28 0.66
CA GLY F 63 -4.47 -19.68 1.00
C GLY F 63 -3.77 -20.40 2.15
N ASP F 64 -4.50 -20.71 3.23
CA ASP F 64 -3.93 -21.44 4.36
C ASP F 64 -3.35 -22.78 3.90
N LEU F 65 -4.11 -23.52 3.09
CA LEU F 65 -3.63 -24.82 2.63
C LEU F 65 -2.38 -24.68 1.76
N MET F 66 -2.33 -23.68 0.88
CA MET F 66 -1.16 -23.51 0.04
C MET F 66 0.04 -22.99 0.83
N THR F 67 -0.19 -22.09 1.78
CA THR F 67 0.91 -21.61 2.61
C THR F 67 1.55 -22.74 3.40
N LEU F 68 0.74 -23.63 3.96
CA LEU F 68 1.30 -24.75 4.69
C LEU F 68 2.10 -25.67 3.77
N ALA F 69 1.52 -26.02 2.62
CA ALA F 69 2.21 -26.92 1.69
C ALA F 69 3.49 -26.29 1.14
N THR F 70 3.45 -24.99 0.83
CA THR F 70 4.64 -24.30 0.35
C THR F 70 5.71 -24.18 1.43
N TRP F 71 5.30 -23.83 2.66
CA TRP F 71 6.29 -23.73 3.73
C TRP F 71 6.98 -25.07 3.96
N VAL F 72 6.22 -26.16 3.96
CA VAL F 72 6.82 -27.49 4.09
C VAL F 72 7.76 -27.78 2.93
N GLY F 73 7.32 -27.47 1.70
CA GLY F 73 8.17 -27.74 0.55
C GLY F 73 9.49 -27.01 0.63
N THR F 74 9.47 -25.76 1.11
CA THR F 74 10.70 -24.99 1.23
C THR F 74 11.66 -25.63 2.24
N ASN F 75 11.13 -26.32 3.25
CA ASN F 75 11.94 -26.99 4.27
C ASN F 75 11.54 -28.47 4.37
N LEU F 76 11.73 -29.20 3.29
CA LEU F 76 11.45 -30.64 3.30
C LEU F 76 12.72 -31.41 2.97
N GLU F 77 13.05 -31.49 1.68
CA GLU F 77 14.31 -32.01 1.18
C GLU F 77 14.83 -30.95 0.21
N ASP F 78 15.89 -31.25 -0.55
CA ASP F 78 16.30 -30.36 -1.61
C ASP F 78 15.18 -30.26 -2.65
N PRO F 79 15.21 -29.21 -3.49
CA PRO F 79 14.05 -28.94 -4.35
C PRO F 79 13.66 -30.04 -5.33
N ALA F 80 14.54 -31.03 -5.57
CA ALA F 80 14.25 -32.03 -6.59
C ALA F 80 12.97 -32.80 -6.29
N SER F 81 12.74 -33.12 -5.01
CA SER F 81 11.57 -33.90 -4.63
C SER F 81 10.48 -33.08 -3.92
N ARG F 82 10.85 -31.97 -3.27
CA ARG F 82 9.94 -31.33 -2.31
C ARG F 82 8.70 -30.77 -2.98
N ASP F 83 8.81 -30.26 -4.22
CA ASP F 83 7.67 -29.61 -4.83
C ASP F 83 6.60 -30.63 -5.21
N LEU F 84 7.01 -31.79 -5.71
CA LEU F 84 6.06 -32.77 -6.26
C LEU F 84 5.42 -33.64 -5.18
N VAL F 85 6.00 -33.73 -3.99
CA VAL F 85 5.37 -34.55 -2.95
C VAL F 85 4.18 -33.83 -2.34
N VAL F 86 4.27 -32.50 -2.18
CA VAL F 86 3.18 -31.74 -1.57
C VAL F 86 2.20 -31.25 -2.62
N SER F 87 2.35 -31.70 -3.88
CA SER F 87 1.31 -31.48 -4.87
C SER F 87 0.07 -32.34 -4.61
N TYR F 88 0.00 -32.92 -3.41
CA TYR F 88 -1.19 -33.63 -2.92
C TYR F 88 -2.35 -32.68 -2.70
N VAL F 89 -2.07 -31.44 -2.28
CA VAL F 89 -3.13 -30.46 -2.04
C VAL F 89 -4.00 -30.32 -3.28
N ASN F 90 -3.36 -30.12 -4.43
CA ASN F 90 -4.10 -30.03 -5.69
C ASN F 90 -4.82 -31.33 -6.02
N THR F 91 -4.28 -32.47 -5.58
CA THR F 91 -4.77 -33.77 -6.03
C THR F 91 -6.06 -34.19 -5.31
N ASN F 92 -6.28 -33.76 -4.07
CA ASN F 92 -7.44 -34.18 -3.29
C ASN F 92 -8.32 -32.98 -2.96
N VAL F 93 -7.87 -32.11 -2.05
CA VAL F 93 -8.67 -30.97 -1.63
C VAL F 93 -8.87 -29.99 -2.78
N GLY F 94 -8.04 -30.06 -3.83
CA GLY F 94 -8.25 -29.20 -4.98
C GLY F 94 -9.64 -29.36 -5.59
N LEU F 95 -10.11 -30.60 -5.72
CA LEU F 95 -11.45 -30.76 -6.27
C LEU F 95 -12.51 -30.24 -5.31
N LYS F 96 -12.33 -30.47 -4.00
CA LYS F 96 -13.28 -29.95 -3.02
C LYS F 96 -13.43 -28.44 -3.12
N PHE F 97 -12.31 -27.73 -3.26
CA PHE F 97 -12.40 -26.27 -3.33
C PHE F 97 -12.84 -25.77 -4.69
N ARG F 98 -12.55 -26.50 -5.77
CA ARG F 98 -13.15 -26.13 -7.05
C ARG F 98 -14.67 -26.21 -6.98
N GLN F 99 -15.19 -27.29 -6.40
CA GLN F 99 -16.64 -27.40 -6.20
C GLN F 99 -17.16 -26.23 -5.38
N LEU F 100 -16.50 -25.94 -4.26
CA LEU F 100 -17.01 -24.95 -3.31
C LEU F 100 -16.91 -23.54 -3.88
N LEU F 101 -15.76 -23.17 -4.43
CA LEU F 101 -15.62 -21.85 -5.02
C LEU F 101 -16.57 -21.67 -6.19
N TRP F 102 -16.68 -22.69 -7.05
CA TRP F 102 -17.61 -22.59 -8.18
C TRP F 102 -19.04 -22.41 -7.68
N PHE F 103 -19.42 -23.19 -6.67
CA PHE F 103 -20.79 -23.10 -6.15
C PHE F 103 -21.12 -21.68 -5.71
N HIS F 104 -20.23 -21.04 -4.95
CA HIS F 104 -20.54 -19.70 -4.46
C HIS F 104 -20.51 -18.67 -5.58
N ILE F 105 -19.54 -18.77 -6.50
CA ILE F 105 -19.47 -17.81 -7.59
C ILE F 105 -20.69 -17.94 -8.51
N SER F 106 -21.06 -19.18 -8.85
CA SER F 106 -22.19 -19.37 -9.73
C SER F 106 -23.49 -18.91 -9.07
N CYS F 107 -23.66 -19.20 -7.77
CA CYS F 107 -24.88 -18.76 -7.08
C CYS F 107 -24.98 -17.25 -7.02
N LEU F 108 -23.86 -16.56 -6.78
CA LEU F 108 -23.89 -15.11 -6.73
C LEU F 108 -24.24 -14.52 -8.07
N THR F 109 -23.91 -15.23 -9.15
CA THR F 109 -24.11 -14.69 -10.49
C THR F 109 -25.49 -15.04 -11.03
N PHE F 110 -25.98 -16.25 -10.78
CA PHE F 110 -27.20 -16.74 -11.39
C PHE F 110 -28.28 -17.15 -10.39
N GLY F 111 -27.98 -17.20 -9.11
CA GLY F 111 -29.00 -17.65 -8.16
C GLY F 111 -28.96 -19.15 -7.94
N ARG F 112 -29.35 -19.55 -6.72
CA ARG F 112 -29.30 -20.97 -6.33
C ARG F 112 -30.13 -21.84 -7.26
N GLU F 113 -31.34 -21.40 -7.60
CA GLU F 113 -32.28 -22.24 -8.32
C GLU F 113 -31.73 -22.60 -9.71
N THR F 114 -31.20 -21.59 -10.41
CA THR F 114 -30.57 -21.85 -11.70
C THR F 114 -29.37 -22.77 -11.56
N VAL F 115 -28.56 -22.55 -10.53
CA VAL F 115 -27.35 -23.35 -10.34
C VAL F 115 -27.70 -24.81 -10.06
N LEU F 116 -28.66 -25.06 -9.17
CA LEU F 116 -28.98 -26.45 -8.84
C LEU F 116 -29.56 -27.19 -10.04
N GLU F 117 -30.41 -26.51 -10.81
CA GLU F 117 -30.95 -27.13 -12.02
C GLU F 117 -29.85 -27.37 -13.04
N TYR F 118 -28.89 -26.46 -13.15
CA TYR F 118 -27.79 -26.66 -14.08
C TYR F 118 -26.91 -27.81 -13.65
N LEU F 119 -26.69 -27.97 -12.35
N LEU F 119 -26.67 -27.95 -12.35
CA LEU F 119 -25.88 -29.07 -11.88
CA LEU F 119 -25.90 -29.08 -11.85
C LEU F 119 -26.47 -30.41 -12.31
C LEU F 119 -26.47 -30.39 -12.36
N VAL F 120 -27.80 -30.54 -12.24
CA VAL F 120 -28.44 -31.77 -12.70
C VAL F 120 -28.37 -31.88 -14.22
N SER F 121 -28.64 -30.78 -14.93
CA SER F 121 -28.63 -30.82 -16.40
C SER F 121 -27.28 -31.27 -16.95
N PHE F 122 -26.20 -30.67 -16.45
CA PHE F 122 -24.87 -31.05 -16.95
C PHE F 122 -24.52 -32.46 -16.52
N GLY F 123 -24.79 -32.81 -15.26
CA GLY F 123 -24.47 -34.15 -14.80
C GLY F 123 -25.18 -35.23 -15.60
N VAL F 124 -26.39 -34.94 -16.05
CA VAL F 124 -27.12 -35.87 -16.90
C VAL F 124 -26.53 -35.89 -18.32
N TRP F 125 -26.21 -34.71 -18.87
CA TRP F 125 -25.65 -34.66 -20.22
C TRP F 125 -24.34 -35.44 -20.31
N ILE F 126 -23.44 -35.23 -19.33
CA ILE F 126 -22.12 -35.84 -19.43
C ILE F 126 -22.21 -37.35 -19.24
N ARG F 127 -23.27 -37.83 -18.59
CA ARG F 127 -23.47 -39.27 -18.43
C ARG F 127 -24.20 -39.90 -19.61
N THR F 128 -24.68 -39.11 -20.55
CA THR F 128 -25.28 -39.68 -21.74
C THR F 128 -24.17 -40.03 -22.73
N PRO F 129 -24.20 -41.20 -23.36
CA PRO F 129 -23.13 -41.56 -24.29
C PRO F 129 -22.90 -40.48 -25.32
N PRO F 130 -21.64 -40.13 -25.59
CA PRO F 130 -21.37 -38.99 -26.49
C PRO F 130 -22.01 -39.14 -27.86
N ALA F 131 -22.05 -40.35 -28.41
CA ALA F 131 -22.67 -40.55 -29.72
C ALA F 131 -24.18 -40.39 -29.69
N ALA F 132 -24.79 -40.36 -28.51
CA ALA F 132 -26.24 -40.27 -28.37
C ALA F 132 -26.74 -38.92 -27.85
N ARG F 133 -25.86 -37.97 -27.56
CA ARG F 133 -26.27 -36.75 -26.87
C ARG F 133 -26.00 -35.54 -27.76
N PRO F 134 -26.59 -34.38 -27.45
CA PRO F 134 -26.30 -33.16 -28.24
C PRO F 134 -24.82 -32.82 -28.15
N PRO F 135 -24.23 -32.30 -29.24
CA PRO F 135 -22.79 -32.07 -29.24
C PRO F 135 -22.29 -31.06 -28.23
N ASN F 136 -23.09 -30.05 -27.90
CA ASN F 136 -22.67 -29.02 -26.96
C ASN F 136 -23.36 -29.22 -25.62
N ALA F 137 -22.66 -28.78 -24.58
CA ALA F 137 -23.16 -28.88 -23.23
C ALA F 137 -24.31 -27.91 -23.02
N PRO F 138 -25.18 -28.18 -22.04
CA PRO F 138 -26.15 -27.15 -21.65
C PRO F 138 -25.41 -25.94 -21.14
N ILE F 139 -26.10 -24.80 -21.12
CA ILE F 139 -25.50 -23.50 -20.81
C ILE F 139 -26.10 -22.99 -19.52
N LEU F 140 -25.24 -22.59 -18.58
CA LEU F 140 -25.69 -22.21 -17.23
C LEU F 140 -26.66 -21.04 -17.26
N SER F 141 -26.35 -20.01 -18.04
CA SER F 141 -27.14 -18.77 -18.07
C SER F 141 -28.52 -18.95 -18.71
N THR F 142 -28.76 -20.06 -19.41
CA THR F 142 -29.98 -20.23 -20.20
C THR F 142 -31.23 -20.27 -19.33
N LEU F 143 -32.21 -19.46 -19.72
CA LEU F 143 -33.57 -19.44 -19.13
C LEU F 143 -33.57 -19.52 -17.61
N VAL F 149 -44.47 -15.36 -26.41
CA VAL F 149 -44.80 -13.96 -26.62
C VAL F 149 -46.32 -13.75 -26.46
N GLU F 150 -46.80 -14.04 -25.25
CA GLU F 150 -48.16 -13.72 -24.85
C GLU F 150 -48.20 -12.56 -23.86
N ASN F 151 -47.08 -11.86 -23.68
CA ASN F 151 -47.07 -10.59 -22.97
C ASN F 151 -47.86 -9.53 -23.74
N LEU F 152 -48.14 -9.77 -25.03
CA LEU F 152 -48.97 -8.87 -25.80
C LEU F 152 -50.43 -8.89 -25.35
N TYR F 153 -50.91 -10.05 -24.86
CA TYR F 153 -52.30 -10.13 -24.44
C TYR F 153 -52.59 -9.18 -23.28
N PHE F 154 -51.69 -9.09 -22.31
CA PHE F 154 -51.86 -8.20 -21.17
C PHE F 154 -51.24 -6.82 -21.40
N GLN F 155 -51.08 -6.42 -22.66
CA GLN F 155 -50.69 -5.07 -23.04
C GLN F 155 -51.84 -4.11 -22.69
C1 IPA G . 2.12 4.80 -23.00
C2 IPA G . 2.08 4.34 -21.55
C3 IPA G . 0.65 4.07 -21.06
O2 IPA G . 2.89 3.20 -21.32
C1 IPA H . 4.47 10.98 -27.28
C2 IPA H . 5.47 10.04 -26.61
C3 IPA H . 4.80 9.19 -25.54
O2 IPA H . 6.08 9.23 -27.58
C1 IPA I . -19.01 -30.19 -25.69
C2 IPA I . -18.73 -28.70 -25.89
C3 IPA I . -18.71 -28.41 -27.38
O2 IPA I . -19.70 -27.89 -25.23
C1 IPA J . -9.26 7.21 -42.50
C2 IPA J . -10.48 7.91 -41.93
C3 IPA J . -11.70 7.00 -41.97
O2 IPA J . -10.23 8.29 -40.59
C01 6XU K . -11.57 -3.98 -30.87
C02 6XU K . -11.62 -5.21 -31.82
C03 6XU K . -12.93 -5.26 -32.69
C04 6XU K . -13.71 -6.40 -32.72
N05 6XU K . -13.38 -7.47 -31.95
C06 6XU K . -12.29 -7.46 -31.13
N07 6XU K . -11.48 -6.45 -31.02
C08 6XU K . -12.02 -8.68 -30.42
N09 6XU K . -12.82 -9.72 -30.31
C10 6XU K . -12.26 -10.80 -29.61
C11 6XU K . -10.98 -10.62 -29.18
S12 6XU K . -10.43 -9.04 -29.68
C13 6XU K . -14.84 -6.65 -33.70
N14 6XU K . -15.12 -8.06 -33.82
C15 6XU K . -14.14 -8.72 -34.71
C16 6XU K . -14.77 -10.13 -34.86
C17 6XU K . -16.32 -9.83 -34.81
C18 6XU K . -16.42 -8.36 -34.49
C19 6XU K . -17.70 -8.12 -33.59
O20 6XU K . -18.80 -8.14 -34.20
O21 6XU K . -17.50 -7.92 -32.39
F22 6XU K . -14.34 -10.70 -36.00
F23 6XU K . -14.32 -10.92 -33.93
C24 6XU K . -13.20 -4.11 -33.57
O25 6XU K . -14.27 -3.86 -34.09
O26 6XU K . -12.19 -3.22 -33.84
C27 6XU K . -12.42 -2.05 -34.62
C28 6XU K . -10.34 -5.26 -32.71
C29 6XU K . -9.40 -4.21 -32.80
C30 6XU K . -8.25 -4.32 -33.61
C31 6XU K . -8.00 -5.49 -34.33
C32 6XU K . -8.91 -6.57 -34.25
C33 6XU K . -10.04 -6.42 -33.45
F34 6XU K . -6.94 -5.62 -35.07
C01 6XU L . 28.25 0.59 -31.97
C02 6XU L . 28.31 -0.94 -31.59
C03 6XU L . 29.73 -1.35 -31.03
C04 6XU L . 30.24 -2.63 -31.38
N05 6XU L . 29.69 -3.33 -32.50
C06 6XU L . 28.54 -2.90 -33.19
N07 6XU L . 27.92 -1.82 -32.80
C08 6XU L . 28.03 -3.79 -34.44
N09 6XU L . 27.15 -3.42 -35.35
C10 6XU L . 26.82 -4.40 -36.35
C11 6XU L . 27.45 -5.61 -36.23
S12 6XU L . 28.49 -5.54 -34.81
C13 6XU L . 31.66 -3.18 -30.96
N14 6XU L . 32.36 -4.09 -31.95
C15 6XU L . 33.59 -4.69 -31.35
C16 6XU L . 34.85 -4.07 -32.03
C17 6XU L . 34.31 -3.01 -33.05
C18 6XU L . 32.83 -3.32 -33.22
C19 6XU L . 32.61 -4.07 -34.63
O20 6XU L . 32.99 -3.46 -35.65
O21 6XU L . 32.07 -5.19 -34.59
F22 6XU L . 35.64 -3.54 -31.09
F23 6XU L . 35.58 -5.03 -32.57
C24 6XU L . 30.15 -0.58 -29.72
O25 6XU L . 29.46 0.25 -29.15
O26 6XU L . 31.38 -0.80 -29.09
C27 6XU L . 31.65 -0.24 -27.78
C28 6XU L . 27.15 -1.17 -30.50
C29 6XU L . 26.25 -0.16 -30.11
C30 6XU L . 25.22 -0.38 -29.18
C31 6XU L . 25.05 -1.66 -28.62
C32 6XU L . 25.91 -2.70 -28.99
C33 6XU L . 26.92 -2.43 -29.92
F34 6XU L . 24.09 -1.90 -27.75
C1 GOL M . 22.32 33.92 -17.66
O1 GOL M . 22.62 32.84 -18.52
C2 GOL M . 21.69 33.41 -16.38
O2 GOL M . 21.78 34.41 -15.39
C3 GOL M . 20.23 33.09 -16.67
O3 GOL M . 19.37 34.16 -16.35
C01 6XU N . 8.05 24.45 -16.39
C02 6XU N . 9.27 24.95 -15.54
C03 6XU N . 8.85 26.07 -14.53
C04 6XU N . 9.53 27.24 -14.47
N05 6XU N . 10.53 27.49 -15.38
C06 6XU N . 10.89 26.60 -16.32
N07 6XU N . 10.33 25.46 -16.44
C08 6XU N . 12.00 26.95 -17.18
N09 6XU N . 12.58 28.13 -17.27
C10 6XU N . 13.70 28.14 -18.17
C11 6XU N . 14.01 26.94 -18.74
S12 6XU N . 12.88 25.73 -18.16
C13 6XU N . 9.40 28.27 -13.37
N14 6XU N . 10.52 29.13 -13.37
C15 6XU N . 11.69 28.51 -12.73
C16 6XU N . 12.69 29.69 -12.66
C17 6XU N . 11.76 30.94 -12.52
C18 6XU N . 10.34 30.42 -12.64
C19 6XU N . 9.47 31.51 -13.35
O20 6XU N . 9.11 32.46 -12.64
O21 6XU N . 9.24 31.35 -14.55
F22 6XU N . 13.49 29.50 -11.61
F23 6XU N . 13.49 29.70 -13.72
C24 6XU N . 7.79 25.74 -13.58
O25 6XU N . 7.15 26.58 -12.95
O26 6XU N . 7.45 24.43 -13.36
C27 6XU N . 6.32 24.14 -12.54
C28 6XU N . 9.96 23.75 -14.83
C29 6XU N . 9.45 22.43 -14.82
C30 6XU N . 10.15 21.38 -14.19
C31 6XU N . 11.39 21.60 -13.58
C32 6XU N . 11.93 22.90 -13.58
C33 6XU N . 11.22 23.92 -14.20
F34 6XU N . 12.05 20.61 -13.00
C1 IPA O . 10.78 13.23 22.07
C2 IPA O . 11.37 14.14 23.14
C3 IPA O . 10.33 14.56 24.18
O2 IPA O . 12.51 13.60 23.77
C01 6XU P . 12.89 29.56 8.06
C02 6XU P . 14.14 30.30 7.50
C03 6XU P . 13.91 31.87 7.40
C04 6XU P . 14.14 32.52 6.23
N05 6XU P . 14.59 31.82 5.14
C06 6XU P . 14.77 30.48 5.15
N07 6XU P . 14.55 29.76 6.20
C08 6XU P . 15.31 29.88 3.95
N09 6XU P . 15.45 30.49 2.78
C10 6XU P . 16.08 29.70 1.80
C11 6XU P . 16.48 28.46 2.20
S12 6XU P . 16.06 28.27 3.89
C13 6XU P . 14.16 34.03 6.08
N14 6XU P . 14.92 34.42 4.93
C15 6XU P . 16.37 34.39 5.19
C16 6XU P . 16.97 35.05 3.91
C17 6XU P . 15.83 36.03 3.46
C18 6XU P . 14.71 35.80 4.47
C19 6XU P . 13.33 36.08 3.76
O20 6XU P . 12.99 37.27 3.66
O21 6XU P . 12.71 35.09 3.32
F22 6XU P . 18.13 35.66 4.21
F23 6XU P . 17.27 34.13 3.01
C24 6XU P . 13.45 32.56 8.61
O25 6XU P . 12.92 33.65 8.62
O26 6XU P . 13.60 31.95 9.84
C27 6XU P . 13.13 32.56 11.02
C28 6XU P . 15.38 30.01 8.38
C29 6XU P . 15.33 29.26 9.57
C30 6XU P . 16.47 28.99 10.31
C31 6XU P . 17.74 29.45 9.89
C32 6XU P . 17.84 30.19 8.70
C33 6XU P . 16.67 30.44 7.98
F34 6XU P . 18.82 29.18 10.61
C1 IPA Q . 9.27 13.44 14.28
C2 IPA Q . 10.68 13.16 14.78
C3 IPA Q . 10.76 13.47 16.27
O2 IPA Q . 11.03 11.81 14.54
C1 IPA R . 2.20 -9.93 23.62
C2 IPA R . 2.13 -8.80 24.64
C3 IPA R . 1.78 -9.35 26.00
O2 IPA R . 3.37 -8.12 24.68
CL CL S . 10.99 23.72 33.33
C01 6XU T . -2.23 3.82 30.63
C02 6XU T . -2.31 2.32 31.13
C03 6XU T . -3.80 1.84 31.32
C04 6XU T . -4.18 1.24 32.49
N05 6XU T . -3.31 1.13 33.52
C06 6XU T . -2.02 1.58 33.43
N07 6XU T . -1.55 2.15 32.38
C08 6XU T . -1.16 1.33 34.56
N09 6XU T . -1.53 0.85 35.75
C10 6XU T . -0.47 0.64 36.64
C11 6XU T . 0.78 0.86 36.15
S12 6XU T . 0.62 1.41 34.48
C13 6XU T . -5.48 0.46 32.70
N14 6XU T . -5.36 -0.44 33.83
C15 6XU T . -4.62 -1.67 33.45
C16 6XU T . -4.82 -2.59 34.69
C17 6XU T . -6.23 -2.17 35.22
C18 6XU T . -6.65 -1.00 34.34
C19 6XU T . -7.53 0.01 35.17
O20 6XU T . -8.71 -0.33 35.40
O21 6XU T . -6.98 1.06 35.53
F22 6XU T . -4.75 -3.86 34.32
F23 6XU T . -3.79 -2.42 35.51
C24 6XU T . -4.67 1.89 30.15
O25 6XU T . -5.88 1.80 30.20
O26 6XU T . -4.12 2.09 28.89
C27 6XU T . -4.97 2.31 27.78
C28 6XU T . -1.52 1.41 30.13
C29 6XU T . -0.96 1.89 28.92
C30 6XU T . -0.24 1.05 28.05
C31 6XU T . -0.03 -0.30 28.37
C32 6XU T . -0.57 -0.83 29.58
C33 6XU T . -1.30 0.03 30.41
F34 6XU T . 0.65 -1.07 27.54
C1 IPA U . -26.28 -28.32 20.46
C2 IPA U . -27.34 -27.22 20.44
C3 IPA U . -27.48 -26.63 21.83
O2 IPA U . -26.99 -26.23 19.50
C1 IPA V . -15.69 -25.07 3.84
C2 IPA V . -14.21 -25.20 3.50
C3 IPA V . -13.46 -23.95 3.93
O2 IPA V . -13.64 -26.37 4.05
C1 IPA W . -0.84 -7.59 43.50
C2 IPA W . -0.17 -6.42 42.79
C3 IPA W . -1.24 -5.36 42.47
O2 IPA W . 0.86 -5.89 43.61
C1 IPA X . -4.36 -14.06 36.35
C2 IPA X . -5.60 -14.26 37.23
C3 IPA X . -6.88 -14.48 36.42
O2 IPA X . -5.39 -15.29 38.16
C01 6XU Y . -15.47 -17.24 24.35
C02 6XU Y . -14.93 -17.79 25.72
C03 6XU Y . -16.00 -17.70 26.88
C04 6XU Y . -15.64 -17.20 28.11
N05 6XU Y . -14.38 -16.65 28.27
C06 6XU Y . -13.46 -16.61 27.27
N07 6XU Y . -13.68 -17.09 26.10
C08 6XU Y . -12.14 -16.07 27.59
N09 6XU Y . -11.82 -15.43 28.68
C10 6XU Y . -10.43 -15.11 28.78
C11 6XU Y . -9.66 -15.56 27.75
S12 6XU Y . -10.68 -16.43 26.62
C13 6XU Y . -16.47 -17.26 29.36
N14 6XU Y . -15.63 -17.00 30.52
C15 6XU Y . -14.82 -18.20 30.87
C16 6XU Y . -14.24 -17.80 32.24
C17 6XU Y . -15.30 -16.78 32.82
C18 6XU Y . -16.36 -16.69 31.76
C19 6XU Y . -16.99 -15.24 31.77
O20 6XU Y . -17.88 -15.03 32.62
O21 6XU Y . -16.53 -14.44 30.93
F22 6XU Y . -14.08 -18.90 33.01
F23 6XU Y . -13.03 -17.29 32.05
C24 6XU Y . -17.33 -18.34 26.67
O25 6XU Y . -18.33 -18.10 27.33
O26 6XU Y . -17.52 -19.26 25.67
C27 6XU Y . -18.84 -19.61 25.28
C28 6XU Y . -14.44 -19.27 25.53
C29 6XU Y . -14.64 -19.99 24.34
C30 6XU Y . -14.16 -21.30 24.19
C31 6XU Y . -13.48 -21.95 25.22
C32 6XU Y . -13.24 -21.27 26.42
C33 6XU Y . -13.73 -19.95 26.54
F34 6XU Y . -13.02 -23.18 25.06
C1 GOL Z . -24.09 -38.17 -33.24
O1 GOL Z . -23.40 -39.39 -33.09
C2 GOL Z . -23.66 -37.20 -32.14
O2 GOL Z . -23.62 -35.87 -32.63
C3 GOL Z . -24.69 -37.30 -31.04
O3 GOL Z . -25.86 -36.57 -31.34
C01 6XU AA . -19.85 -19.86 -12.63
C02 6XU AA . -19.20 -20.00 -14.05
C03 6XU AA . -19.87 -19.02 -15.09
C04 6XU AA . -20.38 -19.49 -16.29
N05 6XU AA . -20.30 -20.84 -16.58
C06 6XU AA . -19.74 -21.75 -15.71
N07 6XU AA . -19.28 -21.40 -14.54
C08 6XU AA . -19.65 -23.13 -16.15
N09 6XU AA . -20.25 -23.64 -17.22
C10 6XU AA . -19.92 -24.99 -17.45
C11 6XU AA . -19.04 -25.54 -16.59
S12 6XU AA . -18.55 -24.33 -15.42
C13 6XU AA . -20.81 -18.61 -17.47
N14 6XU AA . -20.76 -19.36 -18.69
C15 6XU AA . -19.39 -19.47 -19.21
C16 6XU AA . -19.61 -20.10 -20.61
C17 6XU AA . -21.05 -19.62 -21.01
C18 6XU AA . -21.53 -18.77 -19.82
C19 6XU AA . -23.10 -18.89 -19.73
O20 6XU AA . -23.75 -18.14 -20.48
O21 6XU AA . -23.56 -19.73 -18.92
F22 6XU AA . -18.65 -19.69 -21.47
F23 6XU AA . -19.45 -21.41 -20.54
C24 6XU AA . -19.87 -17.57 -14.75
O25 6XU AA . -20.64 -16.77 -15.25
O26 6XU AA . -19.00 -17.07 -13.83
C27 6XU AA . -19.15 -15.72 -13.39
C28 6XU AA . -17.65 -19.76 -13.99
C29 6XU AA . -16.95 -19.31 -12.83
C30 6XU AA . -15.56 -19.15 -12.82
C31 6XU AA . -14.79 -19.42 -13.98
C32 6XU AA . -15.45 -19.87 -15.15
C33 6XU AA . -16.84 -20.03 -15.10
F34 6XU AA . -13.47 -19.27 -13.97
#